data_5UBK
#
_entry.id   5UBK
#
_cell.length_a   120.384
_cell.length_b   168.361
_cell.length_c   93.643
_cell.angle_alpha   90.000
_cell.angle_beta   90.000
_cell.angle_gamma   90.000
#
_symmetry.space_group_name_H-M   'C 2 2 21'
#
loop_
_entity.id
_entity.type
_entity.pdbx_description
1 polymer 'Acyl-homoserine lactone acylase PvdQ'
2 non-polymer N-[(1R)-1-{(6S)-6-[(2-amino-2-oxoethyl)carbamoyl]-1,4,5,6-tetrahydropyrimidin-2-yl}-2-(4-hydroxyphenyl)ethyl]-N~2~-tetradecanoyl-L-glutamine
3 water water
#
_entity_poly.entity_id   1
_entity_poly.type   'polypeptide(L)'
_entity_poly.pdbx_seq_one_letter_code
;ANAIAVGSERSADGKGMLLANPHFPWNGAMRFYQMHLTIPGRLDVMGASLPGLPVVNIGFSRHLAWTHTVDTSSHFTLYR
LALDPKDPRRYLVDGRSLPLEEKSVAIEVRGADGKLSRVEHKVYQSIYGPLVVWPGKLDWNRSEAYALRDANLENTRVLQ
QWYSINQASDVADLRRRVEALQGIPWVNTLAADEQGNALYMNQSVVPYLKPELIPACAIPQLVAEGLPALQGQDSRCAWS
RDPAAAQAGITPAAQLPVLLRRDFVQNSDDSAWLTNPASPLQGFSPLVSQEKPIGPRARYALSRLQGKQPLEAKTLEEMV
TANHVFSADQVLPDLLRLCRDNQGEKSLARACAALAQWDRGANLDSGSGFVYFQRFMQRFAELDGAWKEPFDAQRPLDTP
QGIALDRPQVATQVRQALADAAAEVEKSGIPDGARWGDLQVSTRGQERIAIPGGDGHFGVYNAIQSVRKGDHLEVVGGTS
YIQLVTFPEEGPKARGLLAFSQSSDPRSPHYRDQTELFSRQQWQTLPFSDRQIDADPQLQRLSIREGGLAADIRWTAYGV
PHIRAKDERGLGYGIGYAYARDNACLLAEEIVTARGERARYFGSEGKSSAELDNLPSDIFYAWLNQPEALQAFWQAQTPA
VRQLLEGYAAGFNRFLREADGKTTSCLGQPWLRAIATDDLLRLTRRLLVEGGVGQFADALVAAAPPGAE
;
_entity_poly.pdbx_strand_id   A
#
loop_
_chem_comp.id
_chem_comp.type
_chem_comp.name
_chem_comp.formula
83M non-polymer N-[(1R)-1-{(6S)-6-[(2-amino-2-oxoethyl)carbamoyl]-1,4,5,6-tetrahydropyrimidin-2-yl}-2-(4-hydroxyphenyl)ethyl]-N~2~-tetradecanoyl-L-glutamine 'C34 H54 N6 O7'
#
# COMPACT_ATOMS: atom_id res chain seq x y z
N ALA A 1 -0.24 6.96 0.33
CA ALA A 1 0.89 7.36 1.17
C ALA A 1 1.28 8.81 0.94
N ASN A 2 1.85 9.41 1.98
CA ASN A 2 2.51 10.70 1.90
C ASN A 2 3.95 10.53 2.38
N ALA A 3 4.84 11.34 1.83
CA ALA A 3 6.24 11.34 2.27
C ALA A 3 6.86 12.68 1.96
N ILE A 4 7.57 13.24 2.94
CA ILE A 4 8.26 14.52 2.78
C ILE A 4 9.66 14.36 3.35
N ALA A 5 10.67 14.56 2.52
CA ALA A 5 12.07 14.56 2.95
C ALA A 5 12.60 15.98 2.82
N VAL A 6 13.02 16.56 3.93
CA VAL A 6 13.52 17.93 3.97
C VAL A 6 15.05 17.89 4.09
N GLY A 7 15.73 18.66 3.25
CA GLY A 7 17.17 18.73 3.26
C GLY A 7 17.69 19.84 4.16
N SER A 8 19.02 20.02 4.11
CA SER A 8 19.69 20.97 4.97
C SER A 8 19.29 22.41 4.72
N GLU A 9 18.82 22.73 3.52
CA GLU A 9 18.53 24.12 3.17
C GLU A 9 17.17 24.59 3.68
N ARG A 10 16.26 23.68 4.01
CA ARG A 10 14.94 24.05 4.49
C ARG A 10 14.66 23.62 5.92
N SER A 11 15.47 22.75 6.50
CA SER A 11 15.21 22.27 7.85
C SER A 11 15.74 23.27 8.89
N ALA A 12 15.01 23.37 10.00
CA ALA A 12 15.36 24.36 11.02
C ALA A 12 16.74 24.11 11.61
N ASP A 13 17.18 22.86 11.65
CA ASP A 13 18.46 22.50 12.25
C ASP A 13 19.58 22.34 11.22
N GLY A 14 19.28 22.51 9.93
CA GLY A 14 20.28 22.30 8.90
C GLY A 14 20.64 20.86 8.64
N LYS A 15 19.87 19.91 9.17
CA LYS A 15 20.11 18.49 8.93
C LYS A 15 18.86 17.88 8.30
N GLY A 16 18.98 16.61 7.93
CA GLY A 16 17.91 15.93 7.23
C GLY A 16 16.71 15.69 8.11
N MET A 17 15.57 15.48 7.46
CA MET A 17 14.29 15.31 8.13
C MET A 17 13.35 14.57 7.19
N LEU A 18 12.61 13.58 7.71
CA LEU A 18 11.75 12.76 6.88
C LEU A 18 10.43 12.48 7.59
N LEU A 19 9.32 12.75 6.91
CA LEU A 19 7.99 12.39 7.36
C LEU A 19 7.49 11.21 6.53
N ALA A 20 7.18 10.11 7.19
CA ALA A 20 6.70 8.90 6.54
C ALA A 20 5.27 8.61 7.00
N ASN A 21 4.36 8.42 6.05
CA ASN A 21 2.94 8.27 6.35
C ASN A 21 2.30 7.39 5.27
N PRO A 22 2.59 6.08 5.28
CA PRO A 22 1.94 5.20 4.32
C PRO A 22 0.50 4.88 4.71
N HIS A 23 -0.32 4.57 3.69
CA HIS A 23 -1.73 4.26 3.88
C HIS A 23 -1.96 2.81 3.45
N PHE A 24 -2.22 1.94 4.41
CA PHE A 24 -2.36 0.51 4.13
C PHE A 24 -3.49 -0.07 4.97
N PRO A 25 -3.93 -1.31 4.69
CA PRO A 25 -5.03 -1.90 5.48
C PRO A 25 -4.74 -1.95 6.97
N TRP A 26 -5.81 -1.98 7.75
CA TRP A 26 -5.72 -2.14 9.20
C TRP A 26 -5.84 -3.59 9.64
N ASN A 27 -5.86 -4.52 8.69
CA ASN A 27 -5.98 -5.95 8.95
C ASN A 27 -5.42 -6.71 7.75
N GLY A 28 -5.02 -7.95 8.00
CA GLY A 28 -4.68 -8.85 6.91
C GLY A 28 -3.20 -8.89 6.59
N ALA A 29 -2.92 -9.35 5.36
CA ALA A 29 -1.57 -9.63 4.91
C ALA A 29 -0.69 -8.38 4.78
N MET A 30 -1.28 -7.18 4.85
CA MET A 30 -0.52 -5.95 4.70
C MET A 30 -0.61 -5.06 5.94
N ARG A 31 -0.89 -5.65 7.10
CA ARG A 31 -0.92 -4.91 8.35
C ARG A 31 0.50 -4.71 8.85
N PHE A 32 0.93 -3.44 8.94
CA PHE A 32 2.29 -3.13 9.34
C PHE A 32 2.56 -3.61 10.78
N TYR A 33 3.84 -3.79 11.09
CA TYR A 33 4.25 -4.28 12.40
C TYR A 33 5.59 -3.67 12.75
N GLN A 34 5.66 -2.99 13.89
CA GLN A 34 6.89 -2.34 14.31
C GLN A 34 7.92 -3.37 14.77
N MET A 35 9.18 -3.13 14.41
CA MET A 35 10.27 -3.92 14.95
C MET A 35 11.58 -3.19 14.74
N HIS A 36 12.57 -3.54 15.57
CA HIS A 36 13.92 -3.00 15.51
C HIS A 36 14.89 -4.18 15.43
N LEU A 37 15.72 -4.19 14.40
CA LEU A 37 16.63 -5.30 14.13
C LEU A 37 18.07 -4.85 14.35
N THR A 38 18.89 -5.74 14.90
CA THR A 38 20.28 -5.42 15.19
C THR A 38 21.14 -6.65 15.03
N ILE A 39 22.10 -6.59 14.11
CA ILE A 39 23.25 -7.50 14.13
C ILE A 39 24.47 -6.62 14.33
N PRO A 40 25.12 -6.69 15.49
CA PRO A 40 26.14 -5.70 15.85
C PRO A 40 27.26 -5.61 14.81
N GLY A 41 27.60 -4.38 14.44
CA GLY A 41 28.63 -4.13 13.44
C GLY A 41 28.17 -4.23 12.00
N ARG A 42 27.03 -4.86 11.74
CA ARG A 42 26.53 -5.05 10.38
C ARG A 42 25.16 -4.45 10.14
N LEU A 43 24.27 -4.46 11.13
CA LEU A 43 22.89 -4.10 10.91
C LEU A 43 22.29 -3.53 12.20
N ASP A 44 21.65 -2.37 12.08
CA ASP A 44 20.88 -1.81 13.20
C ASP A 44 19.90 -0.80 12.62
N VAL A 45 18.64 -1.21 12.51
CA VAL A 45 17.62 -0.41 11.83
C VAL A 45 16.29 -0.68 12.50
N MET A 46 15.48 0.37 12.63
CA MET A 46 14.19 0.27 13.30
C MET A 46 13.11 0.82 12.38
N GLY A 47 11.93 0.20 12.45
CA GLY A 47 10.80 0.66 11.66
C GLY A 47 9.64 -0.31 11.71
N ALA A 48 8.94 -0.41 10.59
CA ALA A 48 7.79 -1.29 10.49
C ALA A 48 7.88 -2.06 9.17
N SER A 49 7.20 -3.21 9.14
CA SER A 49 7.21 -4.07 7.97
C SER A 49 5.93 -4.89 7.93
N LEU A 50 5.76 -5.65 6.85
CA LEU A 50 4.57 -6.43 6.53
C LEU A 50 4.68 -7.84 7.09
N PRO A 51 3.55 -8.48 7.39
CA PRO A 51 3.56 -9.80 8.02
C PRO A 51 4.36 -10.82 7.19
N GLY A 52 5.24 -11.54 7.87
CA GLY A 52 6.00 -12.62 7.27
C GLY A 52 7.38 -12.25 6.79
N LEU A 53 7.74 -10.97 6.78
CA LEU A 53 8.98 -10.52 6.16
C LEU A 53 10.05 -10.27 7.22
N PRO A 54 11.20 -10.92 7.15
CA PRO A 54 12.24 -10.70 8.16
C PRO A 54 13.15 -9.52 7.83
N VAL A 55 12.56 -8.41 7.40
CA VAL A 55 13.29 -7.17 7.10
C VAL A 55 12.39 -6.01 7.52
N VAL A 56 12.97 -4.81 7.55
CA VAL A 56 12.23 -3.58 7.80
C VAL A 56 11.91 -2.92 6.46
N ASN A 57 10.63 -2.64 6.22
CA ASN A 57 10.20 -2.06 4.95
C ASN A 57 10.24 -0.54 4.95
N ILE A 58 9.93 0.08 6.08
CA ILE A 58 9.99 1.53 6.24
C ILE A 58 10.59 1.82 7.61
N GLY A 59 11.67 2.60 7.64
CA GLY A 59 12.30 2.87 8.92
C GLY A 59 13.47 3.84 8.86
N PHE A 60 14.46 3.60 9.72
CA PHE A 60 15.59 4.52 9.85
C PHE A 60 16.73 3.81 10.57
N SER A 61 17.93 4.32 10.34
CA SER A 61 19.11 3.88 11.06
C SER A 61 19.76 5.12 11.68
N ARG A 62 21.04 5.01 12.03
CA ARG A 62 21.67 6.09 12.78
C ARG A 62 21.81 7.36 11.94
N HIS A 63 21.99 7.22 10.63
CA HIS A 63 22.20 8.39 9.78
C HIS A 63 21.18 8.52 8.64
N LEU A 64 20.18 7.64 8.56
CA LEU A 64 19.34 7.58 7.39
C LEU A 64 17.90 7.28 7.79
N ALA A 65 16.95 7.83 7.01
CA ALA A 65 15.53 7.53 7.16
C ALA A 65 14.90 7.47 5.78
N TRP A 66 14.16 6.40 5.51
CA TRP A 66 13.54 6.18 4.21
C TRP A 66 12.09 5.73 4.40
N THR A 67 11.33 5.79 3.30
CA THR A 67 9.94 5.37 3.30
C THR A 67 9.52 5.14 1.86
N HIS A 68 8.26 4.72 1.68
CA HIS A 68 7.76 4.35 0.36
C HIS A 68 6.36 4.90 0.12
N THR A 69 6.09 5.21 -1.15
CA THR A 69 4.76 5.59 -1.60
C THR A 69 4.47 4.81 -2.89
N VAL A 70 3.19 4.71 -3.24
CA VAL A 70 2.79 4.04 -4.48
C VAL A 70 3.13 4.94 -5.66
N ASP A 71 3.70 4.36 -6.71
CA ASP A 71 4.07 5.13 -7.89
C ASP A 71 2.99 5.00 -8.96
N THR A 72 3.19 5.72 -10.06
CA THR A 72 2.28 5.71 -11.20
C THR A 72 2.85 4.95 -12.39
N SER A 73 3.97 4.26 -12.22
CA SER A 73 4.53 3.48 -13.31
C SER A 73 3.74 2.19 -13.50
N SER A 74 3.90 1.57 -14.66
CA SER A 74 3.34 0.26 -14.90
C SER A 74 4.32 -0.81 -14.43
N HIS A 75 3.79 -1.86 -13.81
CA HIS A 75 4.59 -2.97 -13.33
C HIS A 75 4.17 -4.29 -13.97
N PHE A 76 3.29 -4.22 -14.95
CA PHE A 76 2.84 -5.35 -15.74
C PHE A 76 2.33 -4.78 -17.04
N THR A 77 2.09 -5.66 -18.02
CA THR A 77 1.41 -5.25 -19.24
C THR A 77 0.34 -6.26 -19.59
N LEU A 78 -0.83 -5.74 -19.99
CA LEU A 78 -1.87 -6.56 -20.62
C LEU A 78 -1.55 -6.74 -22.08
N TYR A 79 -1.57 -7.99 -22.55
CA TYR A 79 -1.34 -8.30 -23.95
C TYR A 79 -2.63 -8.80 -24.58
N ARG A 80 -3.12 -8.09 -25.59
CA ARG A 80 -4.27 -8.55 -26.36
C ARG A 80 -3.81 -9.54 -27.42
N LEU A 81 -4.30 -10.77 -27.34
CA LEU A 81 -3.90 -11.81 -28.27
C LEU A 81 -4.83 -11.85 -29.47
N ALA A 82 -4.25 -12.15 -30.63
CA ALA A 82 -5.02 -12.42 -31.84
C ALA A 82 -5.15 -13.93 -32.00
N LEU A 83 -6.38 -14.43 -31.95
CA LEU A 83 -6.60 -15.87 -31.96
C LEU A 83 -6.61 -16.41 -33.38
N ASP A 84 -6.14 -17.65 -33.52
CA ASP A 84 -6.26 -18.38 -34.77
C ASP A 84 -7.73 -18.52 -35.13
N PRO A 85 -8.18 -17.99 -36.27
CA PRO A 85 -9.62 -18.05 -36.60
C PRO A 85 -10.19 -19.45 -36.67
N LYS A 86 -9.36 -20.49 -36.72
CA LYS A 86 -9.85 -21.86 -36.77
C LYS A 86 -9.74 -22.58 -35.44
N ASP A 87 -9.01 -22.04 -34.47
CA ASP A 87 -8.90 -22.65 -33.15
C ASP A 87 -8.70 -21.58 -32.08
N PRO A 88 -9.73 -21.31 -31.26
CA PRO A 88 -9.56 -20.33 -30.18
C PRO A 88 -8.59 -20.74 -29.10
N ARG A 89 -8.07 -21.97 -29.14
CA ARG A 89 -7.01 -22.41 -28.24
C ARG A 89 -5.62 -22.13 -28.78
N ARG A 90 -5.52 -21.49 -29.94
CA ARG A 90 -4.26 -21.11 -30.54
C ARG A 90 -4.25 -19.61 -30.82
N TYR A 91 -3.06 -19.01 -30.74
CA TYR A 91 -2.92 -17.57 -30.94
C TYR A 91 -1.78 -17.28 -31.90
N LEU A 92 -1.84 -16.08 -32.48
CA LEU A 92 -0.96 -15.70 -33.58
C LEU A 92 0.10 -14.73 -33.10
N VAL A 93 1.34 -14.98 -33.53
CA VAL A 93 2.45 -14.06 -33.35
C VAL A 93 3.08 -13.90 -34.73
N ASP A 94 3.01 -12.68 -35.28
CA ASP A 94 3.46 -12.41 -36.64
C ASP A 94 2.82 -13.39 -37.63
N GLY A 95 1.51 -13.63 -37.43
CA GLY A 95 0.72 -14.43 -38.33
C GLY A 95 0.84 -15.93 -38.18
N ARG A 96 1.67 -16.41 -37.25
CA ARG A 96 1.86 -17.85 -37.08
C ARG A 96 1.10 -18.35 -35.86
N SER A 97 0.41 -19.48 -36.04
CA SER A 97 -0.43 -20.04 -35.00
C SER A 97 0.40 -20.82 -34.00
N LEU A 98 0.22 -20.50 -32.71
CA LEU A 98 0.95 -21.13 -31.62
C LEU A 98 -0.02 -21.75 -30.61
N PRO A 99 0.32 -22.90 -30.03
CA PRO A 99 -0.57 -23.52 -29.04
C PRO A 99 -0.49 -22.81 -27.70
N LEU A 100 -1.62 -22.77 -27.00
CA LEU A 100 -1.63 -22.27 -25.64
C LEU A 100 -1.15 -23.35 -24.68
N GLU A 101 -0.29 -22.95 -23.74
CA GLU A 101 0.10 -23.87 -22.67
C GLU A 101 -1.09 -24.15 -21.77
N GLU A 102 -1.20 -25.40 -21.32
CA GLU A 102 -2.26 -25.82 -20.42
C GLU A 102 -1.67 -26.41 -19.15
N LYS A 103 -2.09 -25.88 -18.01
CA LYS A 103 -1.58 -26.28 -16.71
C LYS A 103 -2.75 -26.51 -15.77
N SER A 104 -2.79 -27.68 -15.14
CA SER A 104 -3.89 -28.05 -14.25
C SER A 104 -3.47 -27.87 -12.80
N VAL A 105 -4.38 -27.31 -12.00
CA VAL A 105 -4.22 -27.23 -10.56
C VAL A 105 -5.42 -27.91 -9.91
N ALA A 106 -5.21 -28.37 -8.67
CA ALA A 106 -6.23 -29.12 -7.95
C ALA A 106 -6.38 -28.54 -6.55
N ILE A 107 -7.64 -28.34 -6.14
CA ILE A 107 -8.00 -27.73 -4.87
C ILE A 107 -8.89 -28.70 -4.10
N GLU A 108 -8.78 -28.68 -2.77
CA GLU A 108 -9.63 -29.47 -1.90
C GLU A 108 -10.64 -28.57 -1.21
N VAL A 109 -11.91 -28.97 -1.21
CA VAL A 109 -13.00 -28.19 -0.65
C VAL A 109 -13.66 -29.02 0.45
N ARG A 110 -13.91 -28.38 1.59
CA ARG A 110 -14.62 -29.03 2.69
C ARG A 110 -16.11 -28.75 2.55
N GLY A 111 -16.88 -29.80 2.30
CA GLY A 111 -18.31 -29.66 2.15
C GLY A 111 -19.01 -29.34 3.47
N ALA A 112 -20.31 -29.07 3.36
CA ALA A 112 -21.09 -28.75 4.54
C ALA A 112 -21.16 -29.91 5.52
N ASP A 113 -21.13 -31.15 5.02
CA ASP A 113 -21.15 -32.34 5.85
C ASP A 113 -19.74 -32.83 6.20
N GLY A 114 -18.75 -31.93 6.21
CA GLY A 114 -17.39 -32.28 6.59
C GLY A 114 -16.61 -33.08 5.56
N LYS A 115 -17.26 -33.60 4.52
CA LYS A 115 -16.55 -34.39 3.52
C LYS A 115 -15.65 -33.51 2.66
N LEU A 116 -14.61 -34.12 2.11
CA LEU A 116 -13.66 -33.42 1.26
C LEU A 116 -13.93 -33.78 -0.21
N SER A 117 -13.71 -32.80 -1.08
CA SER A 117 -13.87 -33.00 -2.51
C SER A 117 -12.74 -32.24 -3.23
N ARG A 118 -12.42 -32.71 -4.43
CA ARG A 118 -11.34 -32.14 -5.23
C ARG A 118 -11.91 -31.33 -6.39
N VAL A 119 -11.37 -30.14 -6.58
CA VAL A 119 -11.73 -29.27 -7.70
C VAL A 119 -10.47 -29.08 -8.54
N GLU A 120 -10.58 -29.36 -9.84
CA GLU A 120 -9.48 -29.17 -10.77
C GLU A 120 -9.80 -28.03 -11.72
N HIS A 121 -8.82 -27.16 -11.95
CA HIS A 121 -8.97 -26.03 -12.85
C HIS A 121 -7.77 -25.95 -13.77
N LYS A 122 -8.02 -25.55 -15.02
CA LYS A 122 -6.98 -25.43 -16.03
C LYS A 122 -6.65 -23.97 -16.26
N VAL A 123 -5.37 -23.64 -16.17
CA VAL A 123 -4.89 -22.29 -16.43
C VAL A 123 -4.15 -22.29 -17.76
N TYR A 124 -4.59 -21.43 -18.69
CA TYR A 124 -3.95 -21.32 -19.99
C TYR A 124 -2.90 -20.22 -19.97
N GLN A 125 -1.73 -20.51 -20.53
CA GLN A 125 -0.63 -19.56 -20.55
C GLN A 125 -0.11 -19.38 -21.97
N SER A 126 0.12 -18.13 -22.34
CA SER A 126 0.79 -17.76 -23.57
C SER A 126 2.27 -17.52 -23.29
N ILE A 127 3.02 -17.19 -24.34
CA ILE A 127 4.41 -16.82 -24.14
C ILE A 127 4.52 -15.56 -23.28
N TYR A 128 3.48 -14.73 -23.25
CA TYR A 128 3.48 -13.58 -22.38
C TYR A 128 3.13 -13.96 -20.94
N GLY A 129 2.09 -14.77 -20.76
CA GLY A 129 1.70 -15.21 -19.45
C GLY A 129 0.31 -15.80 -19.41
N PRO A 130 -0.25 -15.91 -18.22
CA PRO A 130 -1.59 -16.50 -18.10
C PRO A 130 -2.64 -15.63 -18.77
N LEU A 131 -3.67 -16.29 -19.28
CA LEU A 131 -4.78 -15.57 -19.87
C LEU A 131 -5.75 -15.14 -18.78
N VAL A 132 -6.31 -13.94 -18.94
CA VAL A 132 -7.23 -13.38 -17.96
C VAL A 132 -8.51 -12.99 -18.70
N VAL A 133 -9.65 -13.17 -18.03
CA VAL A 133 -10.94 -12.79 -18.58
C VAL A 133 -11.69 -11.93 -17.57
N TRP A 134 -11.97 -10.69 -17.94
CA TRP A 134 -12.86 -9.80 -17.21
C TRP A 134 -14.22 -9.90 -17.89
N PRO A 135 -15.13 -10.75 -17.41
CA PRO A 135 -16.32 -11.09 -18.21
C PRO A 135 -17.07 -9.82 -18.62
N GLY A 136 -17.32 -9.71 -19.93
CA GLY A 136 -17.95 -8.51 -20.45
C GLY A 136 -16.99 -7.46 -20.96
N LYS A 137 -15.78 -7.43 -20.40
CA LYS A 137 -14.78 -6.41 -20.70
C LYS A 137 -13.54 -6.95 -21.40
N LEU A 138 -12.83 -7.92 -20.82
CA LEU A 138 -11.74 -8.61 -21.50
C LEU A 138 -12.18 -10.05 -21.75
N ASP A 139 -12.96 -10.23 -22.80
CA ASP A 139 -13.54 -11.54 -23.08
C ASP A 139 -12.56 -12.44 -23.80
N TRP A 140 -12.87 -13.74 -23.81
CA TRP A 140 -12.15 -14.74 -24.60
C TRP A 140 -13.16 -15.24 -25.65
N ASN A 141 -13.19 -14.55 -26.80
CA ASN A 141 -14.11 -14.96 -27.86
C ASN A 141 -13.35 -15.69 -28.95
N ARG A 142 -13.80 -15.54 -30.20
CA ARG A 142 -13.22 -16.28 -31.31
C ARG A 142 -12.14 -15.52 -32.06
N SER A 143 -11.97 -14.23 -31.79
CA SER A 143 -10.92 -13.46 -32.44
C SER A 143 -9.88 -12.91 -31.49
N GLU A 144 -10.16 -12.81 -30.19
CA GLU A 144 -9.21 -12.19 -29.28
C GLU A 144 -9.38 -12.74 -27.88
N ALA A 145 -8.27 -12.74 -27.14
CA ALA A 145 -8.22 -13.03 -25.71
C ALA A 145 -7.18 -12.10 -25.11
N TYR A 146 -6.93 -12.23 -23.81
CA TYR A 146 -6.00 -11.33 -23.14
C TYR A 146 -5.09 -12.10 -22.20
N ALA A 147 -3.82 -11.74 -22.22
CA ALA A 147 -2.80 -12.30 -21.34
C ALA A 147 -2.22 -11.19 -20.48
N LEU A 148 -1.56 -11.59 -19.40
CA LEU A 148 -1.00 -10.63 -18.45
C LEU A 148 0.39 -11.09 -18.04
N ARG A 149 1.41 -10.29 -18.38
CA ARG A 149 2.79 -10.54 -17.96
C ARG A 149 3.11 -9.61 -16.80
N ASP A 150 3.29 -10.21 -15.61
CA ASP A 150 3.64 -9.46 -14.41
C ASP A 150 5.16 -9.45 -14.26
N ALA A 151 5.76 -8.26 -14.28
CA ALA A 151 7.21 -8.15 -14.23
C ALA A 151 7.77 -8.63 -12.90
N ASN A 152 6.98 -8.52 -11.83
CA ASN A 152 7.46 -8.95 -10.52
C ASN A 152 7.34 -10.45 -10.30
N LEU A 153 6.63 -11.17 -11.18
CA LEU A 153 6.69 -12.63 -11.16
C LEU A 153 8.11 -13.13 -11.36
N GLU A 154 8.95 -12.37 -12.07
CA GLU A 154 10.34 -12.72 -12.28
C GLU A 154 11.30 -11.98 -11.35
N ASN A 155 10.77 -11.21 -10.40
CA ASN A 155 11.62 -10.49 -9.45
C ASN A 155 11.89 -11.40 -8.26
N THR A 156 13.09 -11.98 -8.22
CA THR A 156 13.53 -12.79 -7.09
C THR A 156 14.40 -12.01 -6.12
N ARG A 157 14.64 -10.72 -6.38
CA ARG A 157 15.56 -9.91 -5.60
C ARG A 157 14.86 -9.09 -4.53
N VAL A 158 13.57 -9.33 -4.31
CA VAL A 158 12.74 -8.41 -3.53
C VAL A 158 13.17 -8.38 -2.07
N LEU A 159 13.46 -9.54 -1.48
CA LEU A 159 13.86 -9.57 -0.07
C LEU A 159 15.31 -9.16 0.08
N GLN A 160 16.16 -9.56 -0.86
CA GLN A 160 17.54 -9.08 -0.85
C GLN A 160 17.61 -7.56 -0.92
N GLN A 161 16.65 -6.95 -1.63
CA GLN A 161 16.68 -5.50 -1.83
C GLN A 161 16.41 -4.74 -0.54
N TRP A 162 15.39 -5.16 0.23
CA TRP A 162 15.10 -4.43 1.46
C TRP A 162 16.14 -4.74 2.55
N TYR A 163 16.64 -5.97 2.59
CA TYR A 163 17.73 -6.27 3.52
C TYR A 163 18.95 -5.42 3.22
N SER A 164 19.21 -5.17 1.93
CA SER A 164 20.27 -4.23 1.57
C SER A 164 19.91 -2.80 1.97
N ILE A 165 18.66 -2.40 1.78
CA ILE A 165 18.21 -1.09 2.23
C ILE A 165 18.42 -0.92 3.73
N ASN A 166 18.15 -1.98 4.50
CA ASN A 166 18.32 -1.92 5.94
C ASN A 166 19.78 -1.72 6.34
N GLN A 167 20.73 -2.02 5.45
CA GLN A 167 22.14 -1.83 5.72
C GLN A 167 22.69 -0.54 5.16
N ALA A 168 21.88 0.25 4.46
CA ALA A 168 22.34 1.50 3.90
C ALA A 168 22.67 2.51 4.99
N SER A 169 23.74 3.28 4.79
CA SER A 169 24.19 4.24 5.78
C SER A 169 23.68 5.66 5.55
N ASP A 170 23.55 6.10 4.30
CA ASP A 170 23.02 7.43 4.03
C ASP A 170 22.35 7.42 2.66
N VAL A 171 22.00 8.61 2.16
CA VAL A 171 21.22 8.71 0.94
C VAL A 171 22.02 8.23 -0.27
N ALA A 172 23.29 8.61 -0.36
CA ALA A 172 24.14 8.13 -1.44
C ALA A 172 24.26 6.61 -1.42
N ASP A 173 24.53 6.04 -0.24
CA ASP A 173 24.57 4.59 -0.11
C ASP A 173 23.23 3.97 -0.50
N LEU A 174 22.13 4.54 0.00
CA LEU A 174 20.80 4.04 -0.33
C LEU A 174 20.56 4.03 -1.83
N ARG A 175 20.83 5.17 -2.48
CA ARG A 175 20.63 5.29 -3.92
C ARG A 175 21.42 4.21 -4.68
N ARG A 176 22.61 3.88 -4.18
CA ARG A 176 23.43 2.88 -4.86
C ARG A 176 22.82 1.48 -4.72
N ARG A 177 22.40 1.13 -3.50
CA ARG A 177 21.94 -0.22 -3.25
C ARG A 177 20.63 -0.52 -3.95
N VAL A 178 19.79 0.49 -4.19
CA VAL A 178 18.55 0.27 -4.93
C VAL A 178 18.82 0.20 -6.43
N GLU A 179 19.61 1.13 -6.96
CA GLU A 179 19.91 1.13 -8.38
C GLU A 179 20.61 -0.16 -8.80
N ALA A 180 21.51 -0.67 -7.97
CA ALA A 180 22.29 -1.84 -8.35
C ALA A 180 21.42 -3.09 -8.43
N LEU A 181 20.49 -3.24 -7.50
CA LEU A 181 19.72 -4.48 -7.37
C LEU A 181 18.37 -4.43 -8.09
N GLN A 182 17.75 -3.26 -8.19
CA GLN A 182 16.48 -3.07 -8.89
C GLN A 182 15.43 -4.08 -8.41
N GLY A 183 15.27 -4.18 -7.09
CA GLY A 183 14.41 -5.18 -6.53
C GLY A 183 13.08 -4.66 -5.98
N ILE A 184 12.89 -3.35 -6.00
CA ILE A 184 11.67 -2.74 -5.48
C ILE A 184 10.52 -3.04 -6.43
N PRO A 185 9.41 -3.61 -5.94
CA PRO A 185 8.34 -4.04 -6.86
C PRO A 185 7.49 -2.92 -7.44
N TRP A 186 6.86 -2.09 -6.59
CA TRP A 186 5.88 -1.16 -7.09
C TRP A 186 5.68 0.04 -6.16
N VAL A 187 6.78 0.57 -5.61
CA VAL A 187 6.70 1.75 -4.75
C VAL A 187 7.85 2.69 -5.05
N ASN A 188 7.57 3.99 -4.92
CA ASN A 188 8.63 4.99 -4.87
C ASN A 188 9.42 4.85 -3.57
N THR A 189 10.51 5.61 -3.47
CA THR A 189 11.34 5.64 -2.28
C THR A 189 11.79 7.07 -2.06
N LEU A 190 11.52 7.60 -0.86
CA LEU A 190 11.96 8.93 -0.46
C LEU A 190 12.75 8.81 0.83
N ALA A 191 13.74 9.69 0.99
CA ALA A 191 14.64 9.53 2.13
C ALA A 191 15.35 10.83 2.44
N ALA A 192 15.83 10.91 3.68
CA ALA A 192 16.70 11.98 4.13
C ALA A 192 17.78 11.38 5.03
N ASP A 193 18.90 12.07 5.14
CA ASP A 193 19.99 11.62 5.99
C ASP A 193 20.53 12.78 6.80
N GLU A 194 21.41 12.45 7.75
CA GLU A 194 21.88 13.44 8.72
C GLU A 194 22.61 14.59 8.06
N GLN A 195 23.35 14.32 6.97
CA GLN A 195 24.09 15.38 6.30
C GLN A 195 23.20 16.32 5.50
N GLY A 196 21.90 16.08 5.44
CA GLY A 196 20.99 17.04 4.84
C GLY A 196 20.66 16.81 3.40
N ASN A 197 20.66 15.57 2.93
CA ASN A 197 20.25 15.25 1.56
C ASN A 197 18.81 14.76 1.56
N ALA A 198 18.09 15.10 0.50
CA ALA A 198 16.71 14.67 0.31
C ALA A 198 16.60 13.95 -1.03
N LEU A 199 16.11 12.72 -0.99
CA LEU A 199 16.16 11.85 -2.15
C LEU A 199 14.76 11.38 -2.52
N TYR A 200 14.46 11.41 -3.82
CA TYR A 200 13.28 10.77 -4.39
C TYR A 200 13.74 9.78 -5.44
N MET A 201 13.10 8.61 -5.47
CA MET A 201 13.45 7.58 -6.45
C MET A 201 12.19 6.90 -6.93
N ASN A 202 11.95 6.97 -8.23
CA ASN A 202 10.96 6.12 -8.90
C ASN A 202 11.63 4.85 -9.42
N GLN A 203 12.40 4.22 -8.54
CA GLN A 203 13.25 3.08 -8.89
C GLN A 203 12.51 1.80 -8.51
N SER A 204 11.84 1.19 -9.50
CA SER A 204 11.09 -0.03 -9.27
C SER A 204 11.23 -0.94 -10.49
N VAL A 205 10.49 -2.05 -10.48
CA VAL A 205 10.50 -3.01 -11.56
C VAL A 205 9.42 -2.61 -12.56
N VAL A 206 9.84 -2.14 -13.73
CA VAL A 206 8.95 -1.56 -14.73
C VAL A 206 9.21 -2.21 -16.09
N PRO A 207 8.19 -2.76 -16.75
CA PRO A 207 8.39 -3.35 -18.08
C PRO A 207 9.00 -2.33 -19.05
N TYR A 208 9.88 -2.80 -19.91
CA TYR A 208 10.68 -1.93 -20.76
C TYR A 208 10.27 -2.08 -22.22
N LEU A 209 9.73 -1.00 -22.77
CA LEU A 209 9.54 -0.85 -24.21
C LEU A 209 10.29 0.40 -24.66
N LYS A 210 11.13 0.25 -25.69
CA LYS A 210 11.84 1.41 -26.22
C LYS A 210 10.84 2.47 -26.67
N PRO A 211 11.15 3.75 -26.48
CA PRO A 211 10.12 4.79 -26.69
C PRO A 211 9.51 4.77 -28.08
N GLU A 212 10.30 4.52 -29.12
CA GLU A 212 9.79 4.56 -30.48
C GLU A 212 8.78 3.46 -30.77
N LEU A 213 8.78 2.37 -29.98
CA LEU A 213 7.84 1.29 -30.19
C LEU A 213 6.49 1.51 -29.53
N ILE A 214 6.37 2.52 -28.68
CA ILE A 214 5.20 2.66 -27.80
C ILE A 214 3.97 3.14 -28.58
N PRO A 215 4.04 4.18 -29.42
CA PRO A 215 2.84 4.56 -30.19
C PRO A 215 2.27 3.44 -31.03
N ALA A 216 3.09 2.51 -31.48
CA ALA A 216 2.62 1.40 -32.32
C ALA A 216 2.15 0.20 -31.50
N CYS A 217 2.80 -0.09 -30.38
CA CYS A 217 2.48 -1.28 -29.60
C CYS A 217 1.35 -1.07 -28.61
N ALA A 218 1.02 0.18 -28.28
CA ALA A 218 -0.01 0.45 -27.29
C ALA A 218 -1.40 0.42 -27.89
N ILE A 219 -2.36 -0.11 -27.14
CA ILE A 219 -3.76 -0.13 -27.55
C ILE A 219 -4.41 1.14 -27.00
N PRO A 220 -4.83 2.07 -27.86
CA PRO A 220 -5.19 3.42 -27.37
C PRO A 220 -6.38 3.45 -26.42
N GLN A 221 -7.48 2.75 -26.73
CA GLN A 221 -8.65 2.85 -25.89
C GLN A 221 -8.40 2.26 -24.50
N LEU A 222 -7.63 1.17 -24.43
CA LEU A 222 -7.34 0.56 -23.14
C LEU A 222 -6.33 1.39 -22.35
N VAL A 223 -5.33 1.95 -23.02
CA VAL A 223 -4.42 2.87 -22.35
C VAL A 223 -5.17 4.12 -21.91
N ALA A 224 -6.23 4.49 -22.64
CA ALA A 224 -7.07 5.62 -22.21
C ALA A 224 -7.80 5.30 -20.92
N GLU A 225 -8.04 4.03 -20.63
CA GLU A 225 -8.64 3.60 -19.37
C GLU A 225 -7.58 3.32 -18.31
N GLY A 226 -6.36 3.80 -18.49
CA GLY A 226 -5.32 3.58 -17.51
C GLY A 226 -4.73 2.19 -17.47
N LEU A 227 -4.99 1.38 -18.51
CA LEU A 227 -4.46 0.02 -18.51
C LEU A 227 -3.19 -0.05 -19.35
N PRO A 228 -2.13 -0.65 -18.85
CA PRO A 228 -0.91 -0.81 -19.68
C PRO A 228 -1.07 -1.94 -20.68
N ALA A 229 -1.67 -1.65 -21.84
CA ALA A 229 -2.09 -2.67 -22.79
C ALA A 229 -1.24 -2.61 -24.06
N LEU A 230 -0.71 -3.76 -24.46
CA LEU A 230 0.13 -3.87 -25.64
C LEU A 230 -0.47 -4.85 -26.63
N GLN A 231 0.00 -4.75 -27.89
CA GLN A 231 -0.42 -5.67 -28.94
C GLN A 231 0.30 -7.00 -28.74
N GLY A 232 -0.45 -8.07 -28.49
CA GLY A 232 0.13 -9.37 -28.22
C GLY A 232 0.33 -10.28 -29.41
N GLN A 233 0.05 -9.81 -30.62
CA GLN A 233 0.25 -10.62 -31.82
C GLN A 233 1.49 -10.18 -32.60
N ASP A 234 2.28 -9.27 -32.04
CA ASP A 234 3.43 -8.66 -32.70
C ASP A 234 4.67 -8.94 -31.87
N SER A 235 5.67 -9.57 -32.48
CA SER A 235 6.90 -9.87 -31.75
C SER A 235 7.68 -8.61 -31.40
N ARG A 236 7.50 -7.53 -32.16
CA ARG A 236 8.15 -6.27 -31.86
C ARG A 236 7.65 -5.65 -30.56
N CYS A 237 6.58 -6.17 -29.97
CA CYS A 237 6.00 -5.63 -28.77
C CYS A 237 6.35 -6.42 -27.52
N ALA A 238 7.17 -7.46 -27.64
CA ALA A 238 7.76 -8.08 -26.47
C ALA A 238 8.61 -7.06 -25.74
N TRP A 239 8.76 -7.25 -24.42
CA TRP A 239 9.54 -6.30 -23.64
C TRP A 239 10.97 -6.26 -24.14
N SER A 240 11.51 -5.04 -24.27
CA SER A 240 12.87 -4.88 -24.75
C SER A 240 13.87 -5.33 -23.69
N ARG A 241 14.87 -6.10 -24.11
CA ARG A 241 15.86 -6.66 -23.19
C ARG A 241 17.14 -5.83 -23.28
N ASP A 242 17.23 -4.80 -22.45
CA ASP A 242 18.47 -4.03 -22.35
C ASP A 242 19.43 -4.76 -21.41
N PRO A 243 20.67 -5.01 -21.83
CA PRO A 243 21.60 -5.76 -20.97
C PRO A 243 22.01 -5.03 -19.71
N ALA A 244 21.78 -3.71 -19.62
CA ALA A 244 22.13 -2.96 -18.42
C ALA A 244 21.10 -3.09 -17.31
N ALA A 245 19.94 -3.68 -17.58
CA ALA A 245 18.93 -3.85 -16.55
C ALA A 245 19.22 -5.09 -15.71
N ALA A 246 18.89 -5.01 -14.42
CA ALA A 246 19.17 -6.11 -13.50
C ALA A 246 18.29 -7.33 -13.77
N GLN A 247 17.24 -7.19 -14.56
CA GLN A 247 16.35 -8.30 -14.90
C GLN A 247 15.97 -8.17 -16.35
N ALA A 248 15.98 -9.29 -17.08
CA ALA A 248 15.72 -9.27 -18.51
C ALA A 248 14.34 -8.73 -18.83
N GLY A 249 14.28 -7.57 -19.47
CA GLY A 249 13.01 -7.01 -19.93
C GLY A 249 12.45 -5.88 -19.09
N ILE A 250 13.15 -5.45 -18.04
CA ILE A 250 12.69 -4.35 -17.22
C ILE A 250 13.49 -3.10 -17.56
N THR A 251 13.01 -1.95 -17.10
CA THR A 251 13.64 -0.68 -17.43
C THR A 251 14.90 -0.49 -16.60
N PRO A 252 16.06 -0.31 -17.23
CA PRO A 252 17.30 -0.09 -16.45
C PRO A 252 17.21 1.16 -15.58
N ALA A 253 18.01 1.18 -14.52
CA ALA A 253 17.89 2.21 -13.50
C ALA A 253 18.10 3.61 -14.07
N ALA A 254 19.05 3.76 -14.99
CA ALA A 254 19.42 5.07 -15.50
C ALA A 254 18.27 5.78 -16.19
N GLN A 255 17.20 5.06 -16.56
CA GLN A 255 16.04 5.66 -17.22
C GLN A 255 14.89 5.95 -16.28
N LEU A 256 15.05 5.72 -14.99
CA LEU A 256 13.96 5.94 -14.04
C LEU A 256 14.21 7.19 -13.22
N PRO A 257 13.16 7.95 -12.88
CA PRO A 257 13.34 9.27 -12.27
C PRO A 257 14.01 9.20 -10.90
N VAL A 258 14.96 10.12 -10.69
CA VAL A 258 15.63 10.31 -9.41
C VAL A 258 15.83 11.80 -9.22
N LEU A 259 15.60 12.28 -8.00
CA LEU A 259 15.81 13.69 -7.67
C LEU A 259 16.50 13.78 -6.32
N LEU A 260 17.72 14.32 -6.33
CA LEU A 260 18.47 14.63 -5.11
C LEU A 260 18.44 16.13 -4.88
N ARG A 261 18.00 16.54 -3.69
CA ARG A 261 17.82 17.95 -3.38
C ARG A 261 18.33 18.20 -1.96
N ARG A 262 18.51 19.49 -1.65
CA ARG A 262 18.82 19.91 -0.29
C ARG A 262 17.74 20.80 0.32
N ASP A 263 16.68 21.11 -0.43
CA ASP A 263 15.53 21.77 0.18
C ASP A 263 14.52 20.71 0.62
N PHE A 264 13.75 20.16 -0.32
CA PHE A 264 12.79 19.12 0.03
C PHE A 264 12.43 18.31 -1.21
N VAL A 265 11.85 17.13 -0.96
CA VAL A 265 11.14 16.36 -1.98
C VAL A 265 9.90 15.77 -1.30
N GLN A 266 8.83 15.61 -2.08
CA GLN A 266 7.59 15.07 -1.57
C GLN A 266 6.97 14.13 -2.60
N ASN A 267 6.06 13.29 -2.14
CA ASN A 267 5.21 12.52 -3.05
C ASN A 267 3.99 12.01 -2.29
N SER A 268 2.81 12.25 -2.86
CA SER A 268 1.57 11.73 -2.31
C SER A 268 0.85 10.86 -3.33
N ASP A 269 1.59 9.92 -3.94
CA ASP A 269 1.09 8.88 -4.84
C ASP A 269 0.83 9.37 -6.26
N ASP A 270 1.36 10.53 -6.64
CA ASP A 270 1.32 10.99 -8.02
C ASP A 270 2.61 10.61 -8.72
N SER A 271 2.74 11.02 -9.98
CA SER A 271 3.94 10.73 -10.74
C SER A 271 5.11 11.59 -10.23
N ALA A 272 6.30 11.28 -10.74
CA ALA A 272 7.51 11.99 -10.34
C ALA A 272 7.50 13.47 -10.71
N TRP A 273 6.52 13.91 -11.51
CA TRP A 273 6.60 15.21 -12.18
C TRP A 273 6.87 16.36 -11.20
N LEU A 274 6.07 16.46 -10.15
CA LEU A 274 6.10 17.60 -9.24
C LEU A 274 6.67 17.24 -7.88
N THR A 275 7.66 16.34 -7.84
CA THR A 275 8.34 16.02 -6.59
C THR A 275 8.88 17.28 -5.92
N ASN A 276 9.38 18.21 -6.72
CA ASN A 276 9.71 19.57 -6.30
C ASN A 276 9.53 20.45 -7.52
N PRO A 277 8.47 21.28 -7.56
CA PRO A 277 8.19 22.06 -8.77
C PRO A 277 9.35 22.95 -9.20
N ALA A 278 10.25 23.30 -8.29
CA ALA A 278 11.47 24.00 -8.69
C ALA A 278 12.38 23.13 -9.55
N SER A 279 12.04 21.85 -9.75
CA SER A 279 12.90 20.93 -10.48
C SER A 279 12.04 19.82 -11.07
N PRO A 280 11.21 20.15 -12.07
CA PRO A 280 10.28 19.15 -12.61
C PRO A 280 11.01 17.99 -13.27
N LEU A 281 10.39 16.82 -13.22
CA LEU A 281 10.92 15.61 -13.84
C LEU A 281 10.03 15.27 -15.03
N GLN A 282 10.57 15.43 -16.24
CA GLN A 282 9.80 15.27 -17.46
C GLN A 282 10.60 14.45 -18.46
N GLY A 283 9.92 14.05 -19.54
CA GLY A 283 10.59 13.36 -20.62
C GLY A 283 10.89 11.91 -20.38
N PHE A 284 10.15 11.24 -19.52
CA PHE A 284 10.31 9.82 -19.28
C PHE A 284 9.32 9.03 -20.12
N SER A 285 9.50 7.71 -20.13
CA SER A 285 8.56 6.84 -20.80
C SER A 285 7.17 6.97 -20.16
N PRO A 286 6.11 6.84 -20.95
CA PRO A 286 4.75 6.89 -20.37
C PRO A 286 4.44 5.68 -19.49
N LEU A 287 5.20 4.59 -19.62
CA LEU A 287 5.08 3.50 -18.67
C LEU A 287 5.73 3.82 -17.33
N VAL A 288 6.47 4.92 -17.25
CA VAL A 288 7.23 5.28 -16.07
C VAL A 288 6.60 6.46 -15.33
N SER A 289 6.43 7.59 -16.02
CA SER A 289 5.89 8.78 -15.38
C SER A 289 5.31 9.71 -16.44
N GLN A 290 4.08 10.16 -16.23
CA GLN A 290 3.41 11.12 -17.10
C GLN A 290 3.22 12.43 -16.33
N GLU A 291 3.02 13.52 -17.08
CA GLU A 291 2.82 14.83 -16.48
C GLU A 291 1.31 15.08 -16.38
N LYS A 292 0.72 14.50 -15.36
CA LYS A 292 -0.72 14.58 -15.12
C LYS A 292 -1.01 15.43 -13.89
N PRO A 293 -2.24 15.93 -13.75
CA PRO A 293 -2.58 16.71 -12.54
C PRO A 293 -2.35 15.90 -11.28
N ILE A 294 -1.98 16.60 -10.21
CA ILE A 294 -1.68 15.96 -8.94
C ILE A 294 -2.94 15.95 -8.08
N GLY A 295 -3.02 14.95 -7.19
CA GLY A 295 -4.13 14.83 -6.28
C GLY A 295 -4.12 15.92 -5.22
N PRO A 296 -5.23 16.06 -4.50
CA PRO A 296 -5.31 17.15 -3.51
C PRO A 296 -4.33 16.99 -2.35
N ARG A 297 -3.98 15.75 -1.99
CA ARG A 297 -3.00 15.55 -0.92
C ARG A 297 -1.65 16.16 -1.28
N ALA A 298 -1.21 15.97 -2.54
CA ALA A 298 0.04 16.58 -2.97
C ALA A 298 -0.07 18.09 -3.07
N ARG A 299 -1.20 18.60 -3.57
CA ARG A 299 -1.43 20.04 -3.61
C ARG A 299 -1.35 20.64 -2.22
N TYR A 300 -2.01 20.01 -1.25
CA TYR A 300 -1.95 20.49 0.13
C TYR A 300 -0.52 20.53 0.63
N ALA A 301 0.23 19.44 0.42
CA ALA A 301 1.61 19.39 0.87
C ALA A 301 2.46 20.48 0.22
N LEU A 302 2.28 20.67 -1.10
CA LEU A 302 3.10 21.65 -1.80
C LEU A 302 2.74 23.07 -1.39
N SER A 303 1.44 23.33 -1.16
CA SER A 303 1.03 24.64 -0.68
C SER A 303 1.69 24.96 0.66
N ARG A 304 1.72 24.00 1.57
CA ARG A 304 2.32 24.25 2.88
C ARG A 304 3.85 24.29 2.82
N LEU A 305 4.45 23.62 1.84
CA LEU A 305 5.91 23.55 1.73
C LEU A 305 6.51 24.69 0.92
N GLN A 306 5.69 25.54 0.32
CA GLN A 306 6.21 26.62 -0.51
C GLN A 306 6.94 27.66 0.35
N GLY A 307 7.79 28.43 -0.31
CA GLY A 307 8.55 29.46 0.36
C GLY A 307 9.94 28.98 0.76
N LYS A 308 10.59 29.78 1.61
CA LYS A 308 11.95 29.51 2.05
C LYS A 308 12.08 29.50 3.56
N GLN A 309 10.97 29.38 4.28
CA GLN A 309 11.09 29.39 5.74
C GLN A 309 11.64 28.06 6.24
N PRO A 310 12.54 28.09 7.22
CA PRO A 310 13.00 26.83 7.82
C PRO A 310 11.84 26.07 8.46
N LEU A 311 11.85 24.75 8.28
CA LEU A 311 10.78 23.89 8.75
C LEU A 311 11.20 23.17 10.03
N GLU A 312 10.29 23.12 10.99
CA GLU A 312 10.47 22.33 12.20
C GLU A 312 9.75 21.00 12.05
N ALA A 313 10.17 20.04 12.88
CA ALA A 313 9.55 18.71 12.83
C ALA A 313 8.07 18.80 13.20
N LYS A 314 7.72 19.65 14.17
CA LYS A 314 6.32 19.79 14.54
C LYS A 314 5.49 20.36 13.40
N THR A 315 6.12 21.10 12.47
CA THR A 315 5.39 21.54 11.29
C THR A 315 5.01 20.36 10.40
N LEU A 316 5.94 19.41 10.23
CA LEU A 316 5.59 18.19 9.49
C LEU A 316 4.53 17.39 10.22
N GLU A 317 4.65 17.30 11.56
CA GLU A 317 3.67 16.55 12.34
C GLU A 317 2.27 17.14 12.18
N GLU A 318 2.16 18.47 12.30
CA GLU A 318 0.85 19.11 12.28
C GLU A 318 0.24 19.13 10.89
N MET A 319 1.03 18.89 9.84
CA MET A 319 0.43 18.69 8.52
C MET A 319 -0.41 17.43 8.46
N VAL A 320 -0.18 16.50 9.37
CA VAL A 320 -0.96 15.27 9.46
C VAL A 320 -2.06 15.38 10.49
N THR A 321 -1.72 15.85 11.71
CA THR A 321 -2.69 15.91 12.79
C THR A 321 -3.70 17.04 12.62
N ALA A 322 -3.52 17.93 11.64
CA ALA A 322 -4.49 18.99 11.43
C ALA A 322 -5.80 18.45 10.87
N ASN A 323 -5.74 17.39 10.06
CA ASN A 323 -6.91 16.79 9.44
C ASN A 323 -7.69 17.80 8.60
N HIS A 324 -6.95 18.64 7.87
CA HIS A 324 -7.58 19.68 7.05
C HIS A 324 -8.11 19.06 5.75
N VAL A 325 -9.41 19.25 5.51
CA VAL A 325 -10.01 18.83 4.26
C VAL A 325 -9.65 19.86 3.19
N PHE A 326 -8.52 19.64 2.52
CA PHE A 326 -8.01 20.66 1.61
C PHE A 326 -8.92 20.88 0.40
N SER A 327 -9.70 19.87 0.02
CA SER A 327 -10.60 20.03 -1.12
C SER A 327 -11.72 21.02 -0.84
N ALA A 328 -12.05 21.26 0.43
CA ALA A 328 -13.07 22.26 0.74
C ALA A 328 -12.60 23.67 0.38
N ASP A 329 -11.29 23.93 0.45
CA ASP A 329 -10.76 25.24 0.12
C ASP A 329 -11.09 25.66 -1.32
N GLN A 330 -11.32 24.70 -2.21
CA GLN A 330 -11.66 25.02 -3.59
C GLN A 330 -13.16 25.05 -3.86
N VAL A 331 -13.98 24.53 -2.96
CA VAL A 331 -15.40 24.34 -3.20
C VAL A 331 -16.26 25.04 -2.16
N LEU A 332 -15.88 24.97 -0.89
CA LEU A 332 -16.73 25.49 0.17
C LEU A 332 -17.05 26.98 0.07
N PRO A 333 -16.11 27.89 -0.30
CA PRO A 333 -16.47 29.30 -0.48
C PRO A 333 -17.64 29.50 -1.44
N ASP A 334 -17.52 28.98 -2.66
CA ASP A 334 -18.61 29.10 -3.62
C ASP A 334 -19.86 28.37 -3.14
N LEU A 335 -19.68 27.26 -2.42
CA LEU A 335 -20.84 26.50 -1.96
C LEU A 335 -21.63 27.26 -0.91
N LEU A 336 -20.92 28.00 -0.04
CA LEU A 336 -21.61 28.75 1.01
C LEU A 336 -22.32 29.98 0.44
N ARG A 337 -21.79 30.58 -0.64
CA ARG A 337 -22.50 31.67 -1.30
C ARG A 337 -23.82 31.19 -1.88
N LEU A 338 -23.80 30.05 -2.58
CA LEU A 338 -25.02 29.40 -3.01
C LEU A 338 -25.96 29.17 -1.83
N CYS A 339 -25.43 28.69 -0.72
CA CYS A 339 -26.26 28.34 0.43
C CYS A 339 -27.04 29.54 0.96
N ARG A 340 -26.37 30.67 1.14
CA ARG A 340 -27.07 31.84 1.65
C ARG A 340 -28.01 32.42 0.60
N ASP A 341 -27.62 32.35 -0.68
CA ASP A 341 -28.47 32.88 -1.75
C ASP A 341 -29.79 32.13 -1.83
N ASN A 342 -29.79 30.83 -1.56
CA ASN A 342 -31.01 30.03 -1.55
C ASN A 342 -31.49 29.74 -0.13
N GLN A 343 -31.63 30.78 0.69
CA GLN A 343 -32.21 30.63 2.03
C GLN A 343 -33.73 30.54 2.00
N GLY A 344 -34.28 29.81 1.02
CA GLY A 344 -35.71 29.65 0.92
C GLY A 344 -36.15 28.21 0.94
N GLU A 345 -35.48 27.37 0.15
CA GLU A 345 -35.79 25.94 0.11
C GLU A 345 -35.50 25.31 1.47
N LYS A 346 -36.55 24.91 2.18
CA LYS A 346 -36.38 24.29 3.49
C LYS A 346 -35.66 22.94 3.42
N SER A 347 -35.52 22.37 2.22
CA SER A 347 -34.74 21.15 2.07
C SER A 347 -33.27 21.40 2.42
N LEU A 348 -32.66 22.42 1.80
CA LEU A 348 -31.26 22.75 2.00
C LEU A 348 -30.98 23.38 3.37
N ALA A 349 -31.95 23.46 4.28
CA ALA A 349 -31.74 24.16 5.54
C ALA A 349 -30.68 23.48 6.40
N ARG A 350 -30.80 22.16 6.59
CA ARG A 350 -29.88 21.45 7.48
C ARG A 350 -28.46 21.46 6.92
N ALA A 351 -28.32 21.14 5.62
CA ALA A 351 -27.00 21.03 5.03
C ALA A 351 -26.26 22.36 5.08
N CYS A 352 -26.94 23.46 4.73
CA CYS A 352 -26.30 24.76 4.72
C CYS A 352 -25.89 25.21 6.12
N ALA A 353 -26.67 24.82 7.13
CA ALA A 353 -26.27 25.14 8.51
C ALA A 353 -25.02 24.36 8.90
N ALA A 354 -25.00 23.06 8.59
CA ALA A 354 -23.82 22.25 8.92
C ALA A 354 -22.60 22.72 8.17
N LEU A 355 -22.75 23.08 6.90
CA LEU A 355 -21.60 23.55 6.11
C LEU A 355 -21.07 24.87 6.65
N ALA A 356 -21.97 25.75 7.12
CA ALA A 356 -21.52 27.03 7.66
C ALA A 356 -20.78 26.83 8.98
N GLN A 357 -21.26 25.90 9.80
CA GLN A 357 -20.59 25.58 11.06
C GLN A 357 -19.34 24.72 10.89
N TRP A 358 -19.14 24.15 9.71
CA TRP A 358 -18.06 23.18 9.53
C TRP A 358 -16.71 23.86 9.58
N ASP A 359 -15.81 23.30 10.39
CA ASP A 359 -14.45 23.83 10.54
C ASP A 359 -13.50 23.37 9.46
N ARG A 360 -14.02 22.84 8.34
CA ARG A 360 -13.22 22.39 7.20
C ARG A 360 -12.23 21.29 7.58
N GLY A 361 -12.48 20.58 8.68
CA GLY A 361 -11.55 19.57 9.15
C GLY A 361 -12.24 18.22 9.32
N ALA A 362 -11.41 17.21 9.59
CA ALA A 362 -11.86 15.85 9.82
C ALA A 362 -11.50 15.38 11.23
N ASN A 363 -11.48 16.29 12.19
CA ASN A 363 -11.16 15.94 13.57
C ASN A 363 -12.34 15.25 14.24
N LEU A 364 -12.09 14.71 15.43
CA LEU A 364 -13.15 14.02 16.17
C LEU A 364 -14.31 14.94 16.47
N ASP A 365 -14.03 16.22 16.73
CA ASP A 365 -15.06 17.19 17.08
C ASP A 365 -15.48 18.05 15.89
N SER A 366 -15.10 17.67 14.68
CA SER A 366 -15.54 18.42 13.50
C SER A 366 -17.03 18.18 13.27
N GLY A 367 -17.72 19.23 12.86
CA GLY A 367 -19.16 19.16 12.69
C GLY A 367 -19.57 18.21 11.57
N SER A 368 -20.88 17.92 11.54
CA SER A 368 -21.44 17.02 10.54
C SER A 368 -21.37 17.57 9.12
N GLY A 369 -20.93 18.82 8.94
CA GLY A 369 -20.78 19.36 7.60
C GLY A 369 -19.82 18.56 6.75
N PHE A 370 -18.82 17.93 7.38
CA PHE A 370 -17.91 17.07 6.64
C PHE A 370 -18.65 15.95 5.92
N VAL A 371 -19.64 15.35 6.58
CA VAL A 371 -20.44 14.31 5.95
C VAL A 371 -21.22 14.88 4.78
N TYR A 372 -21.87 16.03 5.00
CA TYR A 372 -22.56 16.71 3.90
C TYR A 372 -21.60 17.04 2.78
N PHE A 373 -20.43 17.57 3.11
CA PHE A 373 -19.47 17.97 2.09
C PHE A 373 -18.98 16.77 1.30
N GLN A 374 -18.79 15.63 1.98
CA GLN A 374 -18.32 14.43 1.30
C GLN A 374 -19.29 13.99 0.22
N ARG A 375 -20.57 13.81 0.59
CA ARG A 375 -21.56 13.32 -0.37
C ARG A 375 -21.79 14.31 -1.50
N PHE A 376 -21.61 15.61 -1.24
CA PHE A 376 -21.72 16.60 -2.30
C PHE A 376 -20.60 16.42 -3.33
N MET A 377 -19.37 16.23 -2.85
CA MET A 377 -18.24 16.13 -3.77
C MET A 377 -18.35 14.90 -4.67
N GLN A 378 -18.94 13.81 -4.17
CA GLN A 378 -19.09 12.60 -4.98
C GLN A 378 -19.92 12.86 -6.22
N ARG A 379 -20.92 13.73 -6.10
CA ARG A 379 -21.79 14.07 -7.23
C ARG A 379 -21.31 15.30 -7.99
N PHE A 380 -20.57 16.19 -7.35
CA PHE A 380 -19.95 17.29 -8.07
C PHE A 380 -18.84 16.80 -8.99
N ALA A 381 -18.16 15.72 -8.60
CA ALA A 381 -17.05 15.18 -9.38
C ALA A 381 -17.50 14.56 -10.69
N GLU A 382 -18.79 14.29 -10.86
CA GLU A 382 -19.32 13.73 -12.10
C GLU A 382 -20.00 14.80 -12.94
N LEU A 383 -19.34 15.94 -13.11
CA LEU A 383 -19.96 17.07 -13.82
C LEU A 383 -18.89 17.83 -14.57
N ASP A 384 -18.92 17.75 -15.90
CA ASP A 384 -17.99 18.49 -16.74
C ASP A 384 -18.31 19.97 -16.71
N GLY A 385 -17.26 20.79 -16.77
CA GLY A 385 -17.42 22.23 -16.82
C GLY A 385 -17.92 22.86 -15.54
N ALA A 386 -17.81 22.18 -14.41
CA ALA A 386 -18.25 22.74 -13.15
C ALA A 386 -17.18 23.58 -12.47
N TRP A 387 -15.90 23.36 -12.79
CA TRP A 387 -14.82 24.15 -12.22
C TRP A 387 -14.78 25.51 -12.88
N LYS A 388 -14.86 26.58 -12.08
CA LYS A 388 -14.68 27.92 -12.60
C LYS A 388 -13.31 28.07 -13.24
N GLU A 389 -12.27 27.65 -12.52
CA GLU A 389 -10.91 27.58 -13.06
C GLU A 389 -10.58 26.12 -13.26
N PRO A 390 -10.87 25.53 -14.44
CA PRO A 390 -10.54 24.12 -14.67
C PRO A 390 -9.05 23.87 -14.63
N PHE A 391 -8.63 22.61 -14.77
CA PHE A 391 -7.21 22.29 -14.67
C PHE A 391 -6.43 22.99 -15.78
N ASP A 392 -5.46 23.80 -15.37
CA ASP A 392 -4.50 24.42 -16.27
C ASP A 392 -3.16 23.75 -16.05
N ALA A 393 -2.63 23.11 -17.09
CA ALA A 393 -1.37 22.38 -16.98
C ALA A 393 -0.21 23.28 -16.58
N GLN A 394 -0.37 24.60 -16.67
CA GLN A 394 0.66 25.54 -16.29
C GLN A 394 0.53 25.99 -14.83
N ARG A 395 -0.61 25.75 -14.19
CA ARG A 395 -0.80 26.11 -12.78
C ARG A 395 -1.28 24.92 -11.97
N PRO A 396 -0.62 23.75 -12.10
CA PRO A 396 -1.18 22.52 -11.55
C PRO A 396 -1.22 22.48 -10.04
N LEU A 397 -0.78 23.54 -9.36
CA LEU A 397 -0.89 23.61 -7.90
C LEU A 397 -2.12 24.37 -7.45
N ASP A 398 -2.57 25.34 -8.25
CA ASP A 398 -3.72 26.18 -7.91
C ASP A 398 -4.98 25.77 -8.65
N THR A 399 -4.91 24.73 -9.47
CA THR A 399 -6.03 24.36 -10.33
C THR A 399 -6.32 22.88 -10.22
N PRO A 400 -7.59 22.48 -10.32
CA PRO A 400 -8.77 23.36 -10.47
C PRO A 400 -9.17 24.04 -9.17
N GLN A 401 -10.10 24.99 -9.26
CA GLN A 401 -10.50 25.78 -8.10
C GLN A 401 -11.80 26.49 -8.42
N GLY A 402 -12.65 26.63 -7.39
CA GLY A 402 -13.88 27.39 -7.52
C GLY A 402 -14.99 26.70 -8.29
N ILE A 403 -16.23 27.04 -7.96
CA ILE A 403 -17.40 26.53 -8.69
C ILE A 403 -17.87 27.63 -9.65
N ALA A 404 -18.07 27.25 -10.91
CA ALA A 404 -18.48 28.22 -11.93
C ALA A 404 -19.96 28.57 -11.79
N LEU A 405 -20.37 29.05 -10.62
CA LEU A 405 -21.78 29.35 -10.36
C LEU A 405 -22.33 30.45 -11.27
N ASP A 406 -21.49 31.08 -12.09
CA ASP A 406 -21.97 32.14 -12.96
C ASP A 406 -22.84 31.59 -14.10
N ARG A 407 -22.45 30.46 -14.71
CA ARG A 407 -23.25 29.90 -15.80
C ARG A 407 -24.59 29.39 -15.25
N PRO A 408 -25.67 29.50 -16.04
CA PRO A 408 -26.99 29.13 -15.50
C PRO A 408 -27.14 27.65 -15.19
N GLN A 409 -26.64 26.76 -16.06
CA GLN A 409 -26.91 25.35 -15.89
C GLN A 409 -26.13 24.76 -14.71
N VAL A 410 -24.82 25.05 -14.64
CA VAL A 410 -24.01 24.48 -13.56
C VAL A 410 -24.51 24.95 -12.20
N ALA A 411 -25.02 26.17 -12.11
CA ALA A 411 -25.56 26.66 -10.84
C ALA A 411 -26.72 25.79 -10.38
N THR A 412 -27.67 25.49 -11.26
CA THR A 412 -28.77 24.61 -10.89
C THR A 412 -28.32 23.15 -10.82
N GLN A 413 -27.19 22.80 -11.44
CA GLN A 413 -26.63 21.46 -11.28
C GLN A 413 -26.02 21.31 -9.89
N VAL A 414 -25.19 22.27 -9.49
CA VAL A 414 -24.58 22.22 -8.16
C VAL A 414 -25.64 22.26 -7.08
N ARG A 415 -26.68 23.09 -7.26
CA ARG A 415 -27.77 23.09 -6.30
C ARG A 415 -28.52 21.77 -6.28
N GLN A 416 -28.56 21.07 -7.42
CA GLN A 416 -29.20 19.77 -7.45
C GLN A 416 -28.35 18.72 -6.74
N ALA A 417 -27.04 18.72 -6.98
CA ALA A 417 -26.16 17.79 -6.31
C ALA A 417 -26.20 17.98 -4.79
N LEU A 418 -26.19 19.24 -4.34
CA LEU A 418 -26.29 19.51 -2.92
C LEU A 418 -27.63 19.03 -2.36
N ALA A 419 -28.72 19.27 -3.10
CA ALA A 419 -30.03 18.85 -2.63
C ALA A 419 -30.14 17.33 -2.56
N ASP A 420 -29.59 16.64 -3.56
CA ASP A 420 -29.59 15.18 -3.53
C ASP A 420 -28.75 14.66 -2.36
N ALA A 421 -27.52 15.14 -2.25
CA ALA A 421 -26.62 14.68 -1.19
C ALA A 421 -27.21 14.93 0.18
N ALA A 422 -27.89 16.06 0.37
CA ALA A 422 -28.48 16.37 1.67
C ALA A 422 -29.57 15.35 2.02
N ALA A 423 -30.36 14.93 1.04
CA ALA A 423 -31.40 13.95 1.31
C ALA A 423 -30.80 12.61 1.73
N GLU A 424 -29.68 12.22 1.12
CA GLU A 424 -29.03 10.97 1.49
C GLU A 424 -28.60 10.99 2.94
N VAL A 425 -28.14 12.14 3.43
CA VAL A 425 -27.63 12.23 4.79
C VAL A 425 -28.74 11.97 5.80
N GLU A 426 -29.85 12.69 5.68
CA GLU A 426 -30.94 12.52 6.63
C GLU A 426 -31.69 11.21 6.43
N LYS A 427 -31.55 10.58 5.25
CA LYS A 427 -32.15 9.26 5.05
C LYS A 427 -31.46 8.17 5.85
N SER A 428 -30.35 8.48 6.52
CA SER A 428 -29.63 7.52 7.34
C SER A 428 -29.85 7.76 8.84
N GLY A 429 -30.72 8.70 9.19
CA GLY A 429 -31.09 8.89 10.59
C GLY A 429 -29.96 9.35 11.48
N ILE A 430 -28.96 10.01 10.92
CA ILE A 430 -27.85 10.51 11.74
C ILE A 430 -28.38 11.61 12.66
N PRO A 431 -28.09 11.57 13.96
CA PRO A 431 -28.65 12.55 14.88
C PRO A 431 -28.25 13.98 14.53
N ASP A 432 -29.05 14.93 15.02
CA ASP A 432 -28.74 16.34 14.84
C ASP A 432 -27.57 16.70 15.76
N GLY A 433 -26.60 17.43 15.21
CA GLY A 433 -25.44 17.84 15.97
C GLY A 433 -24.40 16.78 16.19
N ALA A 434 -24.46 15.67 15.47
CA ALA A 434 -23.48 14.61 15.63
C ALA A 434 -22.14 15.03 15.02
N ARG A 435 -21.06 14.68 15.69
CA ARG A 435 -19.72 15.03 15.24
C ARG A 435 -19.08 13.87 14.48
N TRP A 436 -18.03 14.20 13.73
CA TRP A 436 -17.33 13.19 12.93
C TRP A 436 -16.82 12.05 13.80
N GLY A 437 -16.31 12.38 14.99
CA GLY A 437 -15.84 11.36 15.91
C GLY A 437 -16.92 10.45 16.44
N ASP A 438 -18.19 10.86 16.32
CA ASP A 438 -19.29 9.98 16.69
C ASP A 438 -19.58 8.96 15.61
N LEU A 439 -19.09 9.18 14.39
CA LEU A 439 -19.41 8.33 13.25
C LEU A 439 -18.28 7.39 12.86
N GLN A 440 -17.08 7.92 12.64
CA GLN A 440 -15.95 7.11 12.17
C GLN A 440 -15.20 6.56 13.38
N VAL A 441 -15.24 5.23 13.55
CA VAL A 441 -14.64 4.55 14.68
C VAL A 441 -13.89 3.32 14.19
N SER A 442 -13.14 2.71 15.11
CA SER A 442 -12.50 1.42 14.88
C SER A 442 -12.93 0.49 16.01
N THR A 443 -13.53 -0.63 15.65
CA THR A 443 -14.01 -1.57 16.65
C THR A 443 -12.84 -2.28 17.31
N ARG A 444 -12.79 -2.23 18.65
CA ARG A 444 -11.80 -2.94 19.44
C ARG A 444 -12.55 -3.88 20.38
N GLY A 445 -12.69 -5.13 19.97
CA GLY A 445 -13.50 -6.08 20.70
C GLY A 445 -14.96 -5.68 20.73
N GLN A 446 -15.43 -5.31 21.92
CA GLN A 446 -16.81 -4.93 22.16
C GLN A 446 -17.01 -3.41 22.15
N GLU A 447 -15.97 -2.64 21.87
CA GLU A 447 -16.01 -1.20 22.00
C GLU A 447 -15.50 -0.55 20.72
N ARG A 448 -15.65 0.78 20.66
CA ARG A 448 -15.30 1.56 19.48
C ARG A 448 -14.42 2.71 19.90
N ILE A 449 -13.37 2.95 19.11
CA ILE A 449 -12.44 4.04 19.34
C ILE A 449 -12.61 5.03 18.18
N ALA A 450 -12.85 6.29 18.51
CA ALA A 450 -13.03 7.31 17.49
C ALA A 450 -11.71 7.56 16.76
N ILE A 451 -11.78 7.63 15.43
CA ILE A 451 -10.58 7.74 14.60
C ILE A 451 -10.65 9.00 13.76
N PRO A 452 -9.75 9.96 13.95
CA PRO A 452 -9.76 11.17 13.14
C PRO A 452 -9.13 10.93 11.77
N GLY A 453 -9.37 11.86 10.86
CA GLY A 453 -8.94 11.76 9.48
C GLY A 453 -10.09 11.44 8.55
N GLY A 454 -9.80 11.54 7.25
CA GLY A 454 -10.80 11.32 6.23
C GLY A 454 -10.15 10.81 4.96
N ASP A 455 -10.99 10.44 4.00
CA ASP A 455 -10.50 9.82 2.77
C ASP A 455 -9.60 10.78 2.00
N GLY A 456 -8.47 10.27 1.53
CA GLY A 456 -7.48 11.09 0.85
C GLY A 456 -8.00 11.76 -0.41
N HIS A 457 -9.05 11.20 -1.03
CA HIS A 457 -9.60 11.82 -2.24
C HIS A 457 -10.11 13.23 -1.97
N PHE A 458 -10.41 13.58 -0.72
CA PHE A 458 -10.84 14.91 -0.36
C PHE A 458 -9.70 15.79 0.14
N GLY A 459 -8.46 15.38 -0.08
CA GLY A 459 -7.34 16.18 0.34
C GLY A 459 -7.00 16.11 1.81
N VAL A 460 -7.56 15.14 2.54
CA VAL A 460 -7.13 14.89 3.91
C VAL A 460 -5.78 14.19 3.87
N TYR A 461 -4.75 14.86 4.38
CA TYR A 461 -3.42 14.26 4.42
C TYR A 461 -3.42 12.97 5.25
N ASN A 462 -4.01 13.03 6.45
CA ASN A 462 -4.20 11.85 7.28
C ASN A 462 -5.36 11.04 6.69
N ALA A 463 -5.05 10.33 5.61
CA ALA A 463 -6.07 9.59 4.88
C ALA A 463 -6.58 8.42 5.71
N ILE A 464 -7.91 8.37 5.91
CA ILE A 464 -8.56 7.27 6.60
C ILE A 464 -9.73 6.80 5.75
N GLN A 465 -9.72 5.52 5.39
CA GLN A 465 -10.78 4.92 4.59
C GLN A 465 -11.64 4.03 5.49
N SER A 466 -12.95 4.23 5.42
CA SER A 466 -13.87 3.45 6.24
CA SER A 466 -13.88 3.47 6.25
C SER A 466 -15.09 3.07 5.41
N VAL A 467 -15.82 2.08 5.89
CA VAL A 467 -17.05 1.61 5.25
C VAL A 467 -18.16 1.63 6.30
N ARG A 468 -19.39 1.72 5.81
CA ARG A 468 -20.56 1.72 6.69
C ARG A 468 -20.85 0.29 7.15
N LYS A 469 -20.80 0.07 8.46
CA LYS A 469 -21.12 -1.23 9.05
C LYS A 469 -22.08 -0.97 10.21
N GLY A 470 -23.36 -1.27 9.99
CA GLY A 470 -24.38 -1.04 10.99
C GLY A 470 -24.62 0.43 11.25
N ASP A 471 -24.41 0.85 12.49
CA ASP A 471 -24.71 2.21 12.93
C ASP A 471 -23.48 3.12 12.95
N HIS A 472 -22.44 2.78 12.20
CA HIS A 472 -21.21 3.56 12.22
C HIS A 472 -20.43 3.31 10.94
N LEU A 473 -19.28 3.96 10.84
CA LEU A 473 -18.32 3.72 9.76
C LEU A 473 -17.08 3.06 10.36
N GLU A 474 -16.82 1.83 9.95
CA GLU A 474 -15.70 1.05 10.47
C GLU A 474 -14.45 1.34 9.65
N VAL A 475 -13.39 1.76 10.33
CA VAL A 475 -12.13 2.07 9.65
C VAL A 475 -11.53 0.79 9.09
N VAL A 476 -11.19 0.82 7.79
CA VAL A 476 -10.64 -0.34 7.12
C VAL A 476 -9.19 -0.16 6.67
N GLY A 477 -8.71 1.08 6.53
CA GLY A 477 -7.34 1.28 6.12
C GLY A 477 -7.00 2.75 6.16
N GLY A 478 -5.74 3.04 5.82
CA GLY A 478 -5.29 4.41 5.80
C GLY A 478 -4.02 4.58 6.60
N THR A 479 -3.89 5.72 7.28
CA THR A 479 -2.73 5.98 8.11
C THR A 479 -2.48 4.80 9.04
N SER A 480 -1.32 4.17 8.86
CA SER A 480 -0.97 2.97 9.62
C SER A 480 0.24 3.24 10.49
N TYR A 481 1.43 3.05 9.94
CA TYR A 481 2.67 3.40 10.63
C TYR A 481 3.01 4.85 10.35
N ILE A 482 3.25 5.61 11.41
CA ILE A 482 3.67 7.01 11.31
C ILE A 482 5.09 7.12 11.82
N GLN A 483 5.93 7.83 11.07
CA GLN A 483 7.33 7.95 11.41
C GLN A 483 7.81 9.36 11.05
N LEU A 484 8.36 10.06 12.04
CA LEU A 484 8.92 11.40 11.85
C LEU A 484 10.30 11.42 12.48
N VAL A 485 11.34 11.45 11.65
CA VAL A 485 12.71 11.25 12.09
C VAL A 485 13.49 12.54 11.85
N THR A 486 14.28 12.95 12.85
CA THR A 486 15.30 13.97 12.71
C THR A 486 16.61 13.42 13.27
N PHE A 487 17.70 14.17 13.08
CA PHE A 487 19.03 13.69 13.44
C PHE A 487 19.78 14.71 14.28
N PRO A 488 19.41 14.85 15.56
CA PRO A 488 20.27 15.60 16.47
C PRO A 488 21.58 14.86 16.69
N GLU A 489 22.55 15.55 17.27
CA GLU A 489 23.88 14.95 17.44
C GLU A 489 23.84 13.75 18.38
N GLU A 490 22.93 13.74 19.35
CA GLU A 490 22.81 12.61 20.26
C GLU A 490 22.47 11.32 19.51
N GLY A 491 21.67 11.43 18.45
CA GLY A 491 21.23 10.29 17.68
C GLY A 491 19.92 10.57 17.01
N PRO A 492 19.44 9.63 16.19
CA PRO A 492 18.16 9.84 15.51
C PRO A 492 17.02 9.96 16.51
N LYS A 493 16.30 11.07 16.44
CA LYS A 493 15.14 11.32 17.29
C LYS A 493 13.90 11.04 16.44
N ALA A 494 13.27 9.90 16.67
CA ALA A 494 12.11 9.46 15.92
C ALA A 494 10.86 9.56 16.79
N ARG A 495 9.72 9.69 16.11
CA ARG A 495 8.46 10.00 16.79
C ARG A 495 7.32 9.57 15.88
N GLY A 496 6.44 8.74 16.40
CA GLY A 496 5.32 8.27 15.59
C GLY A 496 4.42 7.33 16.36
N LEU A 497 3.65 6.55 15.60
CA LEU A 497 2.67 5.62 16.17
C LEU A 497 2.38 4.54 15.15
N LEU A 498 1.80 3.45 15.64
CA LEU A 498 1.16 2.44 14.80
C LEU A 498 -0.33 2.54 15.13
N ALA A 499 -1.09 3.13 14.20
CA ALA A 499 -2.45 3.58 14.51
C ALA A 499 -3.33 2.47 15.04
N PHE A 500 -3.15 1.24 14.57
CA PHE A 500 -3.99 0.12 14.98
C PHE A 500 -3.32 -0.78 16.01
N SER A 501 -2.19 -0.35 16.58
CA SER A 501 -1.46 -1.07 17.62
C SER A 501 -0.77 -2.32 17.08
N GLN A 502 0.18 -2.86 17.86
CA GLN A 502 1.07 -3.91 17.35
C GLN A 502 0.33 -5.23 17.10
N SER A 503 -0.66 -5.56 17.92
CA SER A 503 -1.28 -6.87 17.90
C SER A 503 -2.69 -6.80 17.34
N SER A 504 -3.01 -7.73 16.45
CA SER A 504 -4.37 -7.89 15.94
C SER A 504 -5.21 -8.80 16.83
N ASP A 505 -4.62 -9.39 17.87
CA ASP A 505 -5.33 -10.31 18.76
C ASP A 505 -5.95 -9.54 19.93
N PRO A 506 -7.25 -9.70 20.16
CA PRO A 506 -7.90 -8.93 21.23
C PRO A 506 -7.39 -9.25 22.62
N ARG A 507 -6.86 -10.45 22.85
CA ARG A 507 -6.34 -10.79 24.16
C ARG A 507 -5.06 -10.06 24.51
N SER A 508 -4.43 -9.42 23.53
CA SER A 508 -3.10 -8.84 23.74
C SER A 508 -3.18 -7.49 24.44
N PRO A 509 -2.20 -7.18 25.29
CA PRO A 509 -2.15 -5.84 25.90
C PRO A 509 -1.88 -4.73 24.90
N HIS A 510 -1.40 -5.07 23.71
CA HIS A 510 -1.08 -4.10 22.67
C HIS A 510 -2.07 -4.20 21.52
N TYR A 511 -3.34 -4.37 21.87
CA TYR A 511 -4.44 -4.49 20.93
C TYR A 511 -5.06 -3.15 20.61
N ARG A 512 -5.00 -2.20 21.55
CA ARG A 512 -5.60 -0.90 21.34
C ARG A 512 -4.84 0.21 22.06
N ASP A 513 -3.66 -0.06 22.64
CA ASP A 513 -2.95 0.95 23.40
C ASP A 513 -2.49 2.10 22.52
N GLN A 514 -2.01 1.80 21.31
CA GLN A 514 -1.63 2.85 20.39
C GLN A 514 -2.82 3.43 19.63
N THR A 515 -3.91 2.67 19.48
CA THR A 515 -5.10 3.21 18.84
C THR A 515 -5.75 4.30 19.69
N GLU A 516 -5.67 4.17 21.02
CA GLU A 516 -6.18 5.22 21.89
C GLU A 516 -5.32 6.47 21.77
N LEU A 517 -4.00 6.30 21.65
CA LEU A 517 -3.12 7.46 21.46
C LEU A 517 -3.32 8.09 20.09
N PHE A 518 -3.66 7.30 19.08
CA PHE A 518 -3.94 7.86 17.76
C PHE A 518 -5.25 8.63 17.76
N SER A 519 -6.25 8.12 18.49
CA SER A 519 -7.52 8.83 18.63
C SER A 519 -7.31 10.25 19.17
N ARG A 520 -6.37 10.40 20.09
CA ARG A 520 -6.02 11.70 20.65
C ARG A 520 -4.83 12.34 19.95
N GLN A 521 -4.29 11.67 18.92
CA GLN A 521 -3.17 12.17 18.12
C GLN A 521 -2.01 12.60 18.99
N GLN A 522 -1.59 11.68 19.88
CA GLN A 522 -0.42 11.86 20.73
C GLN A 522 0.66 10.89 20.24
N TRP A 523 1.58 11.40 19.44
CA TRP A 523 2.66 10.58 18.92
C TRP A 523 3.70 10.33 20.01
N GLN A 524 4.40 9.21 19.88
CA GLN A 524 5.30 8.74 20.93
C GLN A 524 6.72 8.59 20.39
N THR A 525 7.67 8.61 21.33
CA THR A 525 9.06 8.35 21.00
C THR A 525 9.25 6.93 20.50
N LEU A 526 10.02 6.78 19.41
CA LEU A 526 10.41 5.47 18.93
C LEU A 526 11.82 5.17 19.42
N PRO A 527 11.99 4.39 20.49
CA PRO A 527 13.33 4.24 21.10
C PRO A 527 14.26 3.42 20.24
N PHE A 528 15.41 4.00 19.90
CA PHE A 528 16.38 3.38 19.01
C PHE A 528 17.70 3.06 19.70
N SER A 529 18.29 4.03 20.40
CA SER A 529 19.53 3.78 21.11
C SER A 529 19.29 2.91 22.33
N ASP A 530 20.36 2.23 22.76
CA ASP A 530 20.24 1.37 23.94
C ASP A 530 19.97 2.18 25.20
N ARG A 531 20.27 3.49 25.19
CA ARG A 531 19.93 4.32 26.35
C ARG A 531 18.42 4.49 26.48
N GLN A 532 17.75 4.85 25.38
CA GLN A 532 16.30 4.97 25.42
C GLN A 532 15.64 3.62 25.67
N ILE A 533 16.14 2.57 25.01
CA ILE A 533 15.53 1.24 25.14
C ILE A 533 15.64 0.75 26.59
N ASP A 534 16.85 0.77 27.14
CA ASP A 534 17.08 0.20 28.46
C ASP A 534 16.53 1.05 29.61
N ALA A 535 16.15 2.29 29.35
CA ALA A 535 15.58 3.16 30.37
C ALA A 535 14.05 3.17 30.35
N ASP A 536 13.43 2.34 29.52
CA ASP A 536 11.98 2.25 29.48
C ASP A 536 11.48 1.49 30.70
N PRO A 537 10.60 2.06 31.52
CA PRO A 537 10.06 1.30 32.67
C PRO A 537 9.34 0.03 32.27
N GLN A 538 8.88 -0.07 31.02
CA GLN A 538 8.15 -1.24 30.53
C GLN A 538 9.06 -2.28 29.89
N LEU A 539 10.38 -2.14 30.04
CA LEU A 539 11.30 -3.02 29.35
C LEU A 539 11.13 -4.47 29.78
N GLN A 540 11.17 -5.37 28.81
CA GLN A 540 11.18 -6.80 29.05
C GLN A 540 12.27 -7.40 28.16
N ARG A 541 13.14 -8.20 28.74
CA ARG A 541 14.25 -8.80 28.01
C ARG A 541 14.18 -10.32 28.13
N LEU A 542 14.54 -11.01 27.07
CA LEU A 542 14.47 -12.46 27.03
C LEU A 542 15.39 -12.99 25.94
N SER A 543 16.09 -14.09 26.25
CA SER A 543 16.90 -14.81 25.27
C SER A 543 16.27 -16.18 25.01
N ILE A 544 16.34 -16.63 23.76
CA ILE A 544 15.76 -17.90 23.34
C ILE A 544 16.79 -18.65 22.48
N ARG A 545 16.83 -19.98 22.60
CA ARG A 545 17.68 -20.79 21.74
C ARG A 545 17.01 -22.10 21.38
N GLU A 546 17.61 -22.75 20.38
CA GLU A 546 17.40 -24.16 20.05
C GLU A 546 18.41 -24.54 18.98
N GLY A 547 18.83 -25.79 18.96
CA GLY A 547 19.79 -26.26 17.97
C GLY A 547 21.06 -26.80 18.55
N GLY A 548 23.43 -22.89 16.12
CA GLY A 548 21.99 -22.97 16.02
C GLY A 548 21.32 -21.60 15.97
N LEU A 549 20.16 -21.49 16.62
CA LEU A 549 19.39 -20.25 16.65
C LEU A 549 19.44 -19.66 18.04
N ALA A 550 19.77 -18.38 18.13
CA ALA A 550 19.74 -17.64 19.39
C ALA A 550 19.40 -16.19 19.11
N ALA A 551 18.78 -15.53 20.09
CA ALA A 551 18.40 -14.14 19.91
C ALA A 551 18.21 -13.49 21.27
N ASP A 552 18.54 -12.20 21.33
CA ASP A 552 18.32 -11.35 22.50
C ASP A 552 17.22 -10.36 22.16
N ILE A 553 16.05 -10.51 22.78
CA ILE A 553 14.87 -9.71 22.47
C ILE A 553 14.58 -8.78 23.62
N ARG A 554 14.47 -7.49 23.32
CA ARG A 554 13.98 -6.49 24.26
C ARG A 554 12.65 -5.92 23.76
N TRP A 555 11.72 -5.72 24.69
CA TRP A 555 10.41 -5.16 24.39
C TRP A 555 10.27 -3.84 25.13
N THR A 556 10.05 -2.76 24.38
CA THR A 556 9.77 -1.48 24.99
C THR A 556 8.24 -1.29 25.07
N ALA A 557 7.81 -0.08 25.40
CA ALA A 557 6.38 0.18 25.57
C ALA A 557 5.61 -0.13 24.29
N TYR A 558 4.32 -0.43 24.47
CA TYR A 558 3.39 -0.78 23.39
C TYR A 558 3.80 -2.04 22.64
N GLY A 559 4.73 -2.82 23.18
CA GLY A 559 5.06 -4.12 22.62
C GLY A 559 6.01 -4.11 21.44
N VAL A 560 6.80 -3.05 21.28
CA VAL A 560 7.74 -2.98 20.15
C VAL A 560 8.95 -3.84 20.47
N PRO A 561 9.20 -4.89 19.69
CA PRO A 561 10.36 -5.74 19.99
C PRO A 561 11.64 -5.19 19.38
N HIS A 562 12.74 -5.38 20.09
CA HIS A 562 14.07 -5.01 19.63
C HIS A 562 14.93 -6.26 19.64
N ILE A 563 15.21 -6.81 18.47
CA ILE A 563 15.86 -8.11 18.33
C ILE A 563 17.34 -7.90 18.06
N ARG A 564 18.18 -8.53 18.88
CA ARG A 564 19.64 -8.53 18.70
C ARG A 564 20.08 -9.96 18.46
N ALA A 565 20.94 -10.16 17.45
CA ALA A 565 21.44 -11.50 17.16
C ALA A 565 22.80 -11.40 16.52
N LYS A 566 23.46 -12.55 16.41
CA LYS A 566 24.79 -12.63 15.83
C LYS A 566 24.78 -12.84 14.33
N ASP A 567 23.74 -13.48 13.79
CA ASP A 567 23.67 -13.81 12.38
C ASP A 567 22.22 -13.69 11.91
N GLU A 568 22.01 -13.87 10.60
CA GLU A 568 20.67 -13.71 10.03
C GLU A 568 19.71 -14.76 10.57
N ARG A 569 20.21 -15.97 10.78
CA ARG A 569 19.36 -17.06 11.28
C ARG A 569 18.82 -16.72 12.66
N GLY A 570 19.71 -16.29 13.57
CA GLY A 570 19.26 -15.89 14.89
C GLY A 570 18.40 -14.64 14.87
N LEU A 571 18.71 -13.72 13.96
CA LEU A 571 17.87 -12.52 13.80
C LEU A 571 16.46 -12.92 13.39
N GLY A 572 16.34 -13.75 12.35
CA GLY A 572 15.03 -14.27 11.98
C GLY A 572 14.37 -15.05 13.10
N TYR A 573 15.18 -15.71 13.95
CA TYR A 573 14.63 -16.45 15.08
C TYR A 573 13.86 -15.52 16.02
N GLY A 574 14.46 -14.38 16.37
CA GLY A 574 13.77 -13.45 17.24
C GLY A 574 12.56 -12.81 16.58
N ILE A 575 12.68 -12.45 15.30
CA ILE A 575 11.56 -11.84 14.59
C ILE A 575 10.35 -12.77 14.59
N GLY A 576 10.56 -14.02 14.19
CA GLY A 576 9.45 -14.96 14.13
C GLY A 576 8.80 -15.17 15.48
N TYR A 577 9.61 -15.26 16.54
CA TYR A 577 9.07 -15.47 17.87
C TYR A 577 8.26 -14.27 18.33
N ALA A 578 8.82 -13.07 18.21
CA ALA A 578 8.14 -11.86 18.69
C ALA A 578 6.86 -11.59 17.91
N TYR A 579 6.90 -11.70 16.57
CA TYR A 579 5.70 -11.47 15.78
C TYR A 579 4.62 -12.50 16.08
N ALA A 580 5.01 -13.74 16.36
CA ALA A 580 4.03 -14.78 16.65
C ALA A 580 3.30 -14.48 17.96
N ARG A 581 4.02 -13.96 18.96
CA ARG A 581 3.37 -13.61 20.23
C ARG A 581 2.27 -12.58 20.01
N ASP A 582 2.41 -11.73 19.00
CA ASP A 582 1.45 -10.67 18.76
C ASP A 582 0.42 -10.99 17.68
N ASN A 583 0.76 -11.81 16.69
CA ASN A 583 -0.08 -11.92 15.49
C ASN A 583 -0.05 -13.33 14.92
N ALA A 584 0.00 -14.34 15.79
CA ALA A 584 0.07 -15.72 15.32
C ALA A 584 -1.17 -16.09 14.50
N CYS A 585 -2.34 -15.61 14.90
CA CYS A 585 -3.57 -15.95 14.18
C CYS A 585 -3.60 -15.30 12.80
N LEU A 586 -3.17 -14.04 12.71
CA LEU A 586 -3.12 -13.37 11.41
C LEU A 586 -2.26 -14.14 10.43
N LEU A 587 -1.02 -14.46 10.82
CA LEU A 587 -0.12 -15.15 9.90
C LEU A 587 -0.62 -16.54 9.56
N ALA A 588 -1.13 -17.26 10.56
CA ALA A 588 -1.71 -18.58 10.29
C ALA A 588 -2.79 -18.51 9.23
N GLU A 589 -3.67 -17.52 9.33
CA GLU A 589 -4.74 -17.36 8.35
C GLU A 589 -4.18 -16.97 6.99
N GLU A 590 -3.28 -16.00 6.94
CA GLU A 590 -2.75 -15.55 5.66
C GLU A 590 -1.90 -16.63 4.98
N ILE A 591 -1.26 -17.48 5.77
CA ILE A 591 -0.53 -18.59 5.17
C ILE A 591 -1.49 -19.58 4.53
N VAL A 592 -2.62 -19.86 5.19
CA VAL A 592 -3.64 -20.71 4.59
C VAL A 592 -4.12 -20.13 3.27
N THR A 593 -4.27 -18.79 3.20
CA THR A 593 -4.64 -18.16 1.94
C THR A 593 -3.56 -18.37 0.89
N ALA A 594 -2.32 -17.99 1.20
CA ALA A 594 -1.23 -18.11 0.25
C ALA A 594 -0.93 -19.55 -0.13
N ARG A 595 -1.36 -20.51 0.68
CA ARG A 595 -1.23 -21.92 0.33
C ARG A 595 -2.37 -22.42 -0.55
N GLY A 596 -3.47 -21.66 -0.64
CA GLY A 596 -4.63 -22.11 -1.40
C GLY A 596 -5.41 -23.20 -0.70
N GLU A 597 -5.64 -23.05 0.61
CA GLU A 597 -6.31 -24.07 1.42
C GLU A 597 -7.52 -23.50 2.15
N ARG A 598 -8.02 -22.34 1.74
CA ARG A 598 -9.13 -21.72 2.45
C ARG A 598 -10.39 -22.56 2.37
N ALA A 599 -10.69 -23.12 1.19
CA ALA A 599 -11.86 -23.98 1.06
C ALA A 599 -11.68 -25.29 1.79
N ARG A 600 -10.43 -25.70 2.03
CA ARG A 600 -10.19 -26.93 2.79
C ARG A 600 -10.54 -26.76 4.25
N TYR A 601 -10.20 -25.59 4.83
CA TYR A 601 -10.47 -25.34 6.24
C TYR A 601 -11.82 -24.69 6.50
N PHE A 602 -12.21 -23.72 5.67
CA PHE A 602 -13.37 -22.88 5.95
C PHE A 602 -14.53 -23.11 5.00
N GLY A 603 -14.39 -23.95 4.00
CA GLY A 603 -15.44 -24.17 3.02
C GLY A 603 -15.48 -23.07 1.99
N SER A 604 -16.38 -23.25 1.01
CA SER A 604 -16.51 -22.34 -0.10
C SER A 604 -17.31 -21.08 0.22
N GLU A 605 -18.04 -21.06 1.33
CA GLU A 605 -18.83 -19.90 1.72
C GLU A 605 -18.01 -18.97 2.62
N GLY A 606 -16.93 -18.45 2.05
CA GLY A 606 -16.08 -17.54 2.79
C GLY A 606 -15.26 -16.69 1.85
N LYS A 607 -14.61 -15.69 2.42
CA LYS A 607 -13.72 -14.80 1.68
C LYS A 607 -12.40 -14.68 2.43
N SER A 608 -11.36 -14.30 1.69
CA SER A 608 -10.06 -14.04 2.28
C SER A 608 -10.01 -12.60 2.78
N SER A 609 -8.91 -12.25 3.44
CA SER A 609 -8.72 -10.87 3.89
C SER A 609 -8.68 -9.89 2.73
N ALA A 610 -8.42 -10.37 1.51
CA ALA A 610 -8.46 -9.55 0.32
C ALA A 610 -9.86 -9.48 -0.30
N GLU A 611 -10.89 -9.92 0.44
CA GLU A 611 -12.28 -9.94 -0.05
C GLU A 611 -12.41 -10.73 -1.35
N LEU A 612 -11.58 -11.76 -1.51
CA LEU A 612 -11.69 -12.71 -2.60
C LEU A 612 -12.34 -13.99 -2.09
N ASP A 613 -13.26 -14.54 -2.88
CA ASP A 613 -13.96 -15.74 -2.46
C ASP A 613 -12.98 -16.91 -2.31
N ASN A 614 -13.32 -17.83 -1.40
CA ASN A 614 -12.37 -18.85 -0.98
C ASN A 614 -11.94 -19.74 -2.14
N LEU A 615 -12.88 -20.17 -2.98
CA LEU A 615 -12.50 -21.07 -4.06
C LEU A 615 -11.66 -20.38 -5.14
N PRO A 616 -12.05 -19.21 -5.67
CA PRO A 616 -11.17 -18.55 -6.66
C PRO A 616 -9.82 -18.17 -6.09
N SER A 617 -9.78 -17.72 -4.83
CA SER A 617 -8.51 -17.39 -4.20
C SER A 617 -7.61 -18.61 -4.08
N ASP A 618 -8.19 -19.77 -3.75
CA ASP A 618 -7.39 -20.99 -3.66
C ASP A 618 -6.82 -21.38 -5.02
N ILE A 619 -7.62 -21.29 -6.08
CA ILE A 619 -7.12 -21.66 -7.40
C ILE A 619 -5.98 -20.74 -7.82
N PHE A 620 -6.10 -19.44 -7.52
CA PHE A 620 -5.09 -18.49 -7.94
C PHE A 620 -3.76 -18.77 -7.26
N TYR A 621 -3.77 -18.98 -5.94
CA TYR A 621 -2.52 -19.15 -5.21
C TYR A 621 -1.94 -20.55 -5.41
N ALA A 622 -2.79 -21.55 -5.65
CA ALA A 622 -2.26 -22.85 -6.07
C ALA A 622 -1.48 -22.71 -7.36
N TRP A 623 -1.98 -21.88 -8.28
CA TRP A 623 -1.21 -21.58 -9.49
C TRP A 623 0.03 -20.74 -9.16
N LEU A 624 -0.16 -19.69 -8.35
CA LEU A 624 0.93 -18.76 -8.08
C LEU A 624 2.05 -19.43 -7.29
N ASN A 625 1.70 -20.30 -6.34
CA ASN A 625 2.68 -20.89 -5.43
C ASN A 625 2.84 -22.40 -5.64
N GLN A 626 2.73 -22.85 -6.89
CA GLN A 626 2.99 -24.25 -7.19
C GLN A 626 4.44 -24.58 -6.85
N PRO A 627 4.75 -25.85 -6.57
CA PRO A 627 6.08 -26.19 -6.04
C PRO A 627 7.23 -25.79 -6.95
N GLU A 628 7.05 -25.87 -8.27
CA GLU A 628 8.11 -25.46 -9.19
C GLU A 628 8.42 -23.98 -9.04
N ALA A 629 7.39 -23.16 -8.81
CA ALA A 629 7.62 -21.74 -8.58
C ALA A 629 8.40 -21.51 -7.28
N LEU A 630 8.04 -22.21 -6.22
CA LEU A 630 8.72 -22.02 -4.94
C LEU A 630 10.16 -22.49 -5.00
N GLN A 631 10.41 -23.66 -5.61
CA GLN A 631 11.77 -24.13 -5.77
C GLN A 631 12.62 -23.13 -6.55
N ALA A 632 12.13 -22.70 -7.71
CA ALA A 632 12.88 -21.74 -8.53
C ALA A 632 13.11 -20.44 -7.78
N PHE A 633 12.12 -19.99 -7.00
CA PHE A 633 12.31 -18.79 -6.20
C PHE A 633 13.34 -18.99 -5.10
N TRP A 634 13.23 -20.10 -4.37
CA TRP A 634 14.14 -20.38 -3.26
C TRP A 634 15.58 -20.47 -3.75
N GLN A 635 15.81 -21.23 -4.82
CA GLN A 635 17.17 -21.40 -5.34
C GLN A 635 17.78 -20.08 -5.80
N ALA A 636 16.97 -19.05 -5.99
CA ALA A 636 17.47 -17.75 -6.40
C ALA A 636 17.76 -16.82 -5.22
N GLN A 637 17.57 -17.29 -3.99
CA GLN A 637 17.77 -16.43 -2.82
C GLN A 637 19.22 -16.49 -2.36
N THR A 638 19.73 -15.34 -1.91
CA THR A 638 21.06 -15.28 -1.33
C THR A 638 21.08 -16.05 -0.01
N PRO A 639 22.27 -16.51 0.42
CA PRO A 639 22.33 -17.27 1.68
C PRO A 639 21.81 -16.50 2.89
N ALA A 640 22.04 -15.18 2.95
CA ALA A 640 21.57 -14.41 4.08
C ALA A 640 20.05 -14.39 4.15
N VAL A 641 19.39 -14.23 3.00
CA VAL A 641 17.93 -14.23 2.97
C VAL A 641 17.38 -15.59 3.39
N ARG A 642 17.99 -16.66 2.89
CA ARG A 642 17.53 -18.00 3.26
C ARG A 642 17.71 -18.27 4.75
N GLN A 643 18.73 -17.67 5.36
CA GLN A 643 18.89 -17.83 6.81
C GLN A 643 17.89 -16.99 7.58
N LEU A 644 17.61 -15.78 7.11
CA LEU A 644 16.53 -14.99 7.70
C LEU A 644 15.22 -15.77 7.70
N LEU A 645 14.83 -16.30 6.54
CA LEU A 645 13.56 -17.03 6.45
C LEU A 645 13.56 -18.29 7.31
N GLU A 646 14.67 -19.04 7.28
CA GLU A 646 14.75 -20.23 8.14
C GLU A 646 14.64 -19.86 9.61
N GLY A 647 15.31 -18.79 10.03
CA GLY A 647 15.18 -18.35 11.41
C GLY A 647 13.77 -17.95 11.76
N TYR A 648 13.07 -17.29 10.82
CA TYR A 648 11.71 -16.82 11.09
C TYR A 648 10.78 -18.00 11.38
N ALA A 649 10.73 -18.97 10.47
CA ALA A 649 9.87 -20.14 10.68
C ALA A 649 10.19 -20.87 11.96
N ALA A 650 11.46 -20.87 12.37
CA ALA A 650 11.83 -21.51 13.63
C ALA A 650 11.34 -20.70 14.82
N GLY A 651 11.51 -19.37 14.77
CA GLY A 651 11.03 -18.52 15.85
C GLY A 651 9.51 -18.55 15.97
N PHE A 652 8.81 -18.58 14.83
CA PHE A 652 7.36 -18.73 14.87
C PHE A 652 6.96 -20.04 15.53
N ASN A 653 7.55 -21.16 15.07
CA ASN A 653 7.20 -22.47 15.61
C ASN A 653 7.63 -22.61 17.07
N ARG A 654 8.68 -21.89 17.48
CA ARG A 654 9.09 -21.91 18.88
C ARG A 654 7.98 -21.34 19.77
N PHE A 655 7.30 -20.29 19.31
CA PHE A 655 6.21 -19.71 20.10
C PHE A 655 5.02 -20.65 20.17
N LEU A 656 4.66 -21.27 19.04
CA LEU A 656 3.51 -22.16 19.03
C LEU A 656 3.70 -23.32 20.00
N ARG A 657 4.94 -23.79 20.16
CA ARG A 657 5.20 -24.87 21.13
C ARG A 657 4.90 -24.43 22.55
N GLU A 658 5.07 -23.14 22.86
CA GLU A 658 4.86 -22.64 24.21
C GLU A 658 3.51 -21.95 24.40
N ALA A 659 2.74 -21.76 23.33
CA ALA A 659 1.54 -20.93 23.40
C ALA A 659 0.49 -21.55 24.30
N ASP A 660 -0.13 -20.72 25.15
CA ASP A 660 -1.19 -21.17 26.04
C ASP A 660 -2.45 -20.31 25.91
N GLY A 661 -2.58 -19.56 24.82
CA GLY A 661 -3.75 -18.75 24.58
C GLY A 661 -3.73 -17.38 25.22
N LYS A 662 -2.67 -17.05 25.96
CA LYS A 662 -2.62 -15.75 26.64
C LYS A 662 -2.77 -14.60 25.66
N THR A 663 -2.07 -14.67 24.51
CA THR A 663 -2.17 -13.67 23.46
C THR A 663 -2.52 -14.32 22.13
N THR A 664 -3.27 -15.41 22.16
CA THR A 664 -3.58 -16.19 20.96
C THR A 664 -5.01 -16.70 21.07
N SER A 665 -5.92 -16.06 20.34
CA SER A 665 -7.34 -16.41 20.44
C SER A 665 -7.72 -17.61 19.60
N CYS A 666 -6.93 -17.95 18.58
CA CYS A 666 -7.22 -19.08 17.71
C CYS A 666 -6.64 -20.39 18.23
N LEU A 667 -6.28 -20.44 19.50
CA LEU A 667 -5.75 -21.67 20.09
C LEU A 667 -6.73 -22.82 19.92
N GLY A 668 -6.23 -23.96 19.46
CA GLY A 668 -7.07 -25.12 19.20
C GLY A 668 -7.53 -25.27 17.78
N GLN A 669 -7.40 -24.24 16.94
CA GLN A 669 -7.89 -24.34 15.58
C GLN A 669 -6.96 -25.22 14.74
N PRO A 670 -7.50 -26.05 13.86
CA PRO A 670 -6.65 -26.96 13.07
C PRO A 670 -5.67 -26.24 12.14
N TRP A 671 -5.96 -25.01 11.74
CA TRP A 671 -5.07 -24.29 10.83
C TRP A 671 -3.96 -23.53 11.56
N LEU A 672 -3.96 -23.55 12.89
CA LEU A 672 -2.84 -23.01 13.67
C LEU A 672 -1.82 -24.13 13.83
N ARG A 673 -0.76 -24.09 13.03
CA ARG A 673 0.18 -25.19 12.97
C ARG A 673 1.55 -24.68 12.59
N ALA A 674 2.56 -25.52 12.82
CA ALA A 674 3.93 -25.17 12.48
C ALA A 674 4.05 -24.80 11.01
N ILE A 675 4.92 -23.85 10.72
CA ILE A 675 5.11 -23.34 9.37
C ILE A 675 6.50 -23.72 8.88
N ALA A 676 6.65 -23.75 7.56
CA ALA A 676 7.90 -23.99 6.90
C ALA A 676 8.40 -22.71 6.24
N THR A 677 9.64 -22.75 5.75
CA THR A 677 10.18 -21.59 5.05
C THR A 677 9.45 -21.36 3.72
N ASP A 678 9.00 -22.42 3.06
CA ASP A 678 8.26 -22.24 1.81
C ASP A 678 6.94 -21.52 2.04
N ASP A 679 6.34 -21.67 3.23
CA ASP A 679 5.17 -20.88 3.56
C ASP A 679 5.48 -19.40 3.54
N LEU A 680 6.67 -19.02 4.01
CA LEU A 680 7.07 -17.62 3.95
C LEU A 680 7.31 -17.17 2.52
N LEU A 681 7.79 -18.07 1.66
CA LEU A 681 7.93 -17.74 0.25
C LEU A 681 6.57 -17.49 -0.40
N ARG A 682 5.53 -18.17 0.07
CA ARG A 682 4.19 -17.94 -0.48
C ARG A 682 3.65 -16.57 -0.10
N LEU A 683 3.85 -16.16 1.16
CA LEU A 683 3.46 -14.82 1.56
C LEU A 683 4.21 -13.76 0.76
N THR A 684 5.50 -13.97 0.54
CA THR A 684 6.31 -13.01 -0.22
C THR A 684 5.79 -12.84 -1.62
N ARG A 685 5.67 -13.96 -2.37
CA ARG A 685 5.16 -13.91 -3.73
C ARG A 685 3.75 -13.35 -3.78
N ARG A 686 2.95 -13.58 -2.74
CA ARG A 686 1.60 -13.01 -2.70
C ARG A 686 1.66 -11.48 -2.63
N LEU A 687 2.63 -10.95 -1.89
CA LEU A 687 2.79 -9.50 -1.81
C LEU A 687 3.41 -8.96 -3.10
N LEU A 688 4.34 -9.71 -3.69
CA LEU A 688 4.99 -9.27 -4.92
C LEU A 688 3.96 -8.95 -6.01
N VAL A 689 3.02 -9.87 -6.23
CA VAL A 689 2.07 -9.73 -7.34
C VAL A 689 0.94 -8.79 -7.02
N GLU A 690 0.96 -8.12 -5.86
CA GLU A 690 -0.13 -7.21 -5.52
C GLU A 690 -0.14 -5.97 -6.40
N GLY A 691 0.99 -5.62 -7.00
CA GLY A 691 1.04 -4.54 -7.97
C GLY A 691 0.80 -4.96 -9.40
N GLY A 692 0.41 -6.21 -9.62
CA GLY A 692 0.16 -6.70 -10.96
C GLY A 692 -0.90 -7.78 -11.05
N VAL A 693 -0.48 -9.02 -11.33
CA VAL A 693 -1.42 -10.08 -11.65
C VAL A 693 -2.30 -10.41 -10.45
N GLY A 694 -1.83 -10.13 -9.23
CA GLY A 694 -2.68 -10.32 -8.06
C GLY A 694 -3.96 -9.53 -8.15
N GLN A 695 -3.90 -8.32 -8.71
CA GLN A 695 -5.10 -7.52 -8.93
C GLN A 695 -6.03 -8.16 -9.96
N PHE A 696 -5.59 -9.19 -10.67
CA PHE A 696 -6.41 -9.88 -11.66
C PHE A 696 -6.67 -11.34 -11.27
N ALA A 697 -6.58 -11.67 -9.98
CA ALA A 697 -6.66 -13.05 -9.54
C ALA A 697 -7.99 -13.68 -9.95
N ASP A 698 -9.09 -12.95 -9.81
CA ASP A 698 -10.38 -13.49 -10.25
C ASP A 698 -10.43 -13.60 -11.77
N ALA A 699 -9.81 -12.66 -12.48
CA ALA A 699 -9.81 -12.70 -13.95
C ALA A 699 -9.05 -13.92 -14.46
N LEU A 700 -7.95 -14.29 -13.79
CA LEU A 700 -7.19 -15.47 -14.20
C LEU A 700 -8.03 -16.73 -14.06
N VAL A 701 -8.72 -16.87 -12.92
CA VAL A 701 -9.55 -18.03 -12.68
C VAL A 701 -10.71 -18.10 -13.68
N ALA A 702 -11.18 -16.95 -14.15
CA ALA A 702 -12.32 -16.90 -15.07
C ALA A 702 -11.98 -17.30 -16.50
N ALA A 703 -10.70 -17.36 -16.85
CA ALA A 703 -10.31 -17.54 -18.25
C ALA A 703 -10.59 -18.96 -18.71
N ALA A 704 -11.47 -19.11 -19.70
CA ALA A 704 -11.81 -20.38 -20.31
C ALA A 704 -12.10 -20.11 -21.78
N PRO A 705 -11.72 -21.01 -22.68
CA PRO A 705 -11.95 -20.78 -24.10
C PRO A 705 -13.36 -21.14 -24.50
N PRO A 706 -13.82 -20.73 -25.69
CA PRO A 706 -15.12 -21.18 -26.19
C PRO A 706 -15.14 -22.70 -26.31
N GLY A 707 -16.21 -23.32 -25.80
CA GLY A 707 -16.23 -24.75 -25.62
C GLY A 707 -15.71 -25.10 -24.24
N ALA A 708 -14.97 -26.21 -24.14
CA ALA A 708 -14.26 -26.58 -22.92
C ALA A 708 -15.18 -26.99 -21.79
N GLU A 709 -14.64 -27.77 -20.84
CA GLU A 709 -15.40 -28.23 -19.68
C GLU A 709 -14.69 -27.85 -18.38
C8 83M B . 5.98 -2.46 0.69
C9 83M B . 6.88 -3.64 0.76
C16 83M B . -3.64 3.35 -0.24
C6 83M B . 5.75 -0.18 1.28
C5 83M B . 4.31 -0.11 1.66
N23 83M B . -1.32 3.09 -0.72
C1 83M B . 0.58 2.19 0.24
C2 83M B . 2.02 2.55 0.20
C3 83M B . 2.79 1.85 1.29
C4 83M B . 3.62 0.77 0.68
C7 83M B . 6.32 -1.47 1.75
C13 83M B . 7.50 -8.15 -0.80
C12 83M B . 6.92 -6.82 -1.06
C11 83M B . 7.00 -5.99 0.17
C10 83M B . 6.39 -4.67 -0.17
C14 83M B . -0.30 3.32 -0.01
C15 83M B . -2.42 3.98 -0.84
C17 83M B . -4.95 7.26 -5.39
C18 83M B . -6.02 8.32 -5.35
C19 83M B . -2.56 4.29 -2.32
C20 83M B . -3.23 5.61 -2.55
C21 83M B . -3.63 5.90 -3.95
C22 83M B . -5.30 6.19 -6.34
C23 83M B . -5.45 9.62 -4.89
C24 83M B . -4.29 10.04 -5.42
C25 83M B . -3.73 11.20 -5.03
C26 83M B . -4.34 11.96 -4.10
C27 83M B . -5.50 11.56 -3.55
C28 83M B . -6.08 10.38 -3.95
C29 83M B . -6.15 5.55 -9.68
C32 83M B . -6.59 4.18 -6.74
C33 83M B . -5.68 3.88 -7.90
C34 83M B . -5.23 5.18 -8.55
C35 83M B . -5.49 6.21 -11.92
C36 83M B . -6.50 6.79 -12.86
N24 83M B . -4.68 6.65 -4.13
N30 83M B . -5.97 5.21 -5.94
N31 83M B . -4.91 6.23 -7.59
N32 83M B . -5.80 6.50 -10.53
N40 83M B . -6.31 6.68 -14.25
O15 83M B . -0.09 4.36 0.44
O17 83M B . -4.50 4.05 0.26
O18 83M B . -3.75 2.16 -0.24
O22 83M B . -2.97 5.51 -4.83
O29 83M B . -3.79 13.10 -3.73
O30 83M B . -7.19 4.99 -9.85
O39 83M B . -7.48 7.32 -12.42
#